data_7VRG
#
_entry.id   7VRG
#
_cell.length_a   70.908
_cell.length_b   77.859
_cell.length_c   81.972
_cell.angle_alpha   113.634
_cell.angle_beta   109.902
_cell.angle_gamma   95.000
#
_symmetry.space_group_name_H-M   'P 1'
#
loop_
_entity.id
_entity.type
_entity.pdbx_description
1 polymer Chitinase
2 branched 2-acetamido-2-deoxy-beta-D-glucopyranose-(1-4)-2-acetamido-2-deoxy-beta-D-glucopyranose
3 non-polymer 'methyl 4-[5,6-bis(chloranyl)-1H-indol-3-yl]-3-(5-chloranyl-1H-indol-3-yl)-1H-pyrrole-2-carboxylate'
4 non-polymer 2-acetamido-2-deoxy-beta-D-glucopyranose
5 water water
#
_entity_poly.entity_id   1
_entity_poly.type   'polypeptide(L)'
_entity_poly.pdbx_seq_one_letter_code
;YTKFAPPGKPSLGWGERTFAIVEVNQAATAYNQLVTKRDSADVSVTWNVWSGDPADKARVLLNDKEFWSGTGGAAGSASF
KVKKGGRYQMVVELCNADGCSQSDATEIIVADTDGSHLPPLDYNMGEKNKPFKQTSGKVVGAYFVEWGVYPRKFPVDRVP
IPNLTHLLYGFIPICGGDGINDSLKEIEGSFQALQRSCSGREDFKVSIHDPWAALQKPQKGLSSWNEPYKGNFGQLMMLK
QAKPDLKILPSIGGWTLADPFFFFTDETKRRRFVASVKDFLQTWKFFDGVDIDWEFPGGKGANPNLGSPKDGEIYVLLMK
ELREMLNELSAETGRKYELTSAISAGWDKIQVVDYSAAQKYMDHIFFMSYDFKGAWSNDTLGHQASLYAPDWNEKETYTT
DFGVQFLLAQGVSPKKIVVGVAMYGRGWTGVHGYKDNNPFTGNATGPVKGTWQDGVVDYREIATEIAQGKWEYHYDKVAQ
APYVFRPATGDLITYDDARSTIEKGKYVRANKLGGLFAWEIDADNGDILNAMNMGLGNSA
;
_entity_poly.pdbx_strand_id   A,B
#
# COMPACT_ATOMS: atom_id res chain seq x y z
N TYR A 1 18.20 4.00 -73.98
CA TYR A 1 16.84 4.43 -73.71
C TYR A 1 16.07 3.38 -72.92
N THR A 2 15.22 3.83 -72.01
CA THR A 2 14.43 2.93 -71.20
C THR A 2 12.99 3.38 -71.07
N LYS A 3 12.15 2.52 -70.59
CA LYS A 3 10.75 2.78 -70.34
C LYS A 3 10.61 2.86 -68.84
N PHE A 4 10.87 4.01 -68.26
CA PHE A 4 10.89 4.18 -66.81
C PHE A 4 10.14 5.45 -66.47
N ALA A 5 8.90 5.31 -65.99
CA ALA A 5 8.06 6.44 -65.61
C ALA A 5 7.54 6.26 -64.19
N PRO A 6 8.41 6.42 -63.19
CA PRO A 6 7.97 6.25 -61.79
C PRO A 6 7.09 7.40 -61.35
N PRO A 7 6.39 7.27 -60.23
CA PRO A 7 5.51 8.37 -59.77
C PRO A 7 6.31 9.61 -59.41
N GLY A 8 5.58 10.71 -59.22
CA GLY A 8 6.19 11.94 -58.79
C GLY A 8 6.82 11.80 -57.41
N LYS A 9 7.66 12.76 -57.06
CA LYS A 9 8.32 12.71 -55.77
C LYS A 9 7.34 13.11 -54.67
N PRO A 10 7.09 12.27 -53.67
CA PRO A 10 6.16 12.65 -52.60
C PRO A 10 6.73 13.76 -51.73
N SER A 11 5.85 14.66 -51.30
CA SER A 11 6.19 15.76 -50.41
C SER A 11 5.56 15.49 -49.05
N LEU A 12 6.38 15.46 -48.01
CA LEU A 12 5.88 15.20 -46.67
C LEU A 12 5.31 16.48 -46.09
N GLY A 13 4.22 16.35 -45.37
CA GLY A 13 3.62 17.53 -44.79
C GLY A 13 4.18 17.80 -43.41
N TRP A 14 3.80 18.95 -42.87
CA TRP A 14 4.28 19.33 -41.55
C TRP A 14 3.57 18.49 -40.50
N GLY A 15 4.33 18.02 -39.52
CA GLY A 15 3.79 17.12 -38.52
C GLY A 15 4.66 17.08 -37.30
N GLU A 16 4.15 16.36 -36.29
CA GLU A 16 4.92 16.04 -35.09
C GLU A 16 6.09 15.15 -35.44
N ARG A 17 7.29 15.53 -34.99
CA ARG A 17 8.51 14.78 -35.27
C ARG A 17 9.11 14.13 -34.03
N THR A 18 8.53 14.32 -32.84
CA THR A 18 9.02 13.74 -31.60
C THR A 18 7.95 12.84 -31.00
N PHE A 19 8.31 11.59 -30.72
CA PHE A 19 7.39 10.61 -30.14
C PHE A 19 8.06 9.92 -28.95
N ALA A 20 7.24 9.26 -28.14
CA ALA A 20 7.74 8.65 -26.92
C ALA A 20 7.03 7.33 -26.66
N ILE A 21 7.80 6.24 -26.63
CA ILE A 21 7.24 4.95 -26.23
C ILE A 21 6.80 4.98 -24.77
N VAL A 22 7.52 5.70 -23.91
CA VAL A 22 7.14 5.92 -22.52
C VAL A 22 6.85 7.41 -22.38
N GLU A 23 5.58 7.76 -22.18
CA GLU A 23 5.17 9.16 -22.10
C GLU A 23 5.36 9.69 -20.69
N VAL A 24 5.94 10.90 -20.59
CA VAL A 24 6.17 11.57 -19.32
C VAL A 24 5.46 12.93 -19.34
N ASN A 25 4.65 13.18 -18.31
CA ASN A 25 4.00 14.46 -18.11
C ASN A 25 4.97 15.37 -17.36
N GLN A 26 5.45 16.42 -18.03
CA GLN A 26 6.46 17.30 -17.43
C GLN A 26 5.91 18.20 -16.34
N ALA A 27 4.60 18.24 -16.14
CA ALA A 27 3.98 19.11 -15.16
C ALA A 27 3.14 18.30 -14.15
N ALA A 28 3.56 17.10 -13.84
CA ALA A 28 2.82 16.25 -12.92
C ALA A 28 3.65 16.05 -11.66
N THR A 29 2.95 15.90 -10.53
CA THR A 29 3.60 15.68 -9.25
C THR A 29 3.36 14.29 -8.67
N ALA A 30 2.30 13.59 -9.11
CA ALA A 30 1.99 12.24 -8.68
C ALA A 30 2.46 11.23 -9.72
N TYR A 31 2.97 10.08 -9.25
CA TYR A 31 3.60 9.14 -10.17
C TYR A 31 2.62 8.57 -11.19
N ASN A 32 1.39 8.25 -10.76
CA ASN A 32 0.41 7.67 -11.68
C ASN A 32 0.03 8.63 -12.80
N GLN A 33 0.17 9.95 -12.58
CA GLN A 33 -0.03 10.94 -13.62
C GLN A 33 1.26 11.34 -14.30
N LEU A 34 2.41 10.96 -13.74
CA LEU A 34 3.70 11.42 -14.25
C LEU A 34 4.16 10.63 -15.47
N VAL A 35 3.97 9.32 -15.46
CA VAL A 35 4.51 8.47 -16.50
C VAL A 35 3.43 7.48 -16.95
N THR A 36 3.38 7.26 -18.27
CA THR A 36 2.52 6.27 -18.88
C THR A 36 3.40 5.40 -19.77
N LYS A 37 3.55 4.13 -19.42
CA LYS A 37 4.33 3.20 -20.20
C LYS A 37 3.45 2.54 -21.27
N ARG A 38 3.99 2.40 -22.47
CA ARG A 38 3.40 1.59 -23.52
C ARG A 38 4.51 0.73 -24.10
N ASP A 39 4.15 -0.16 -25.04
CA ASP A 39 5.17 -1.01 -25.62
C ASP A 39 5.51 -0.61 -27.05
N SER A 40 5.08 0.57 -27.47
CA SER A 40 5.42 1.15 -28.77
C SER A 40 4.88 2.58 -28.79
N ALA A 41 5.45 3.39 -29.67
CA ALA A 41 4.92 4.71 -29.96
C ALA A 41 4.15 4.70 -31.29
N ASP A 42 3.30 5.72 -31.46
CA ASP A 42 2.44 5.83 -32.63
C ASP A 42 2.95 6.99 -33.48
N VAL A 43 3.59 6.65 -34.60
CA VAL A 43 4.14 7.65 -35.51
C VAL A 43 3.18 7.82 -36.68
N SER A 44 3.03 9.06 -37.13
CA SER A 44 2.13 9.40 -38.22
C SER A 44 2.85 10.28 -39.23
N VAL A 45 2.45 10.16 -40.50
CA VAL A 45 3.05 10.91 -41.59
C VAL A 45 1.99 11.13 -42.66
N THR A 46 2.03 12.32 -43.28
CA THR A 46 1.17 12.67 -44.39
C THR A 46 2.03 13.11 -45.57
N TRP A 47 1.60 12.74 -46.77
CA TRP A 47 2.34 13.09 -47.98
C TRP A 47 1.38 13.57 -49.06
N ASN A 48 1.96 14.23 -50.06
CA ASN A 48 1.17 14.79 -51.13
C ASN A 48 1.96 14.69 -52.43
N VAL A 49 1.26 14.31 -53.50
CA VAL A 49 1.82 14.32 -54.84
C VAL A 49 0.82 15.01 -55.74
N TRP A 50 1.18 16.20 -56.22
CA TRP A 50 0.28 16.96 -57.07
C TRP A 50 0.05 16.20 -58.37
N SER A 51 -1.23 15.91 -58.65
CA SER A 51 -1.65 15.05 -59.76
C SER A 51 -0.82 13.76 -59.80
N GLY A 52 -1.15 12.88 -58.85
CA GLY A 52 -0.64 11.52 -58.84
C GLY A 52 -1.77 10.52 -58.94
N ASP A 53 -1.37 9.26 -59.09
CA ASP A 53 -2.36 8.20 -59.24
C ASP A 53 -2.69 7.61 -57.88
N PRO A 54 -3.92 7.77 -57.37
CA PRO A 54 -4.25 7.20 -56.06
C PRO A 54 -4.22 5.68 -56.02
N ALA A 55 -4.05 5.00 -57.16
CA ALA A 55 -3.89 3.55 -57.16
C ALA A 55 -2.45 3.12 -56.92
N ASP A 56 -1.49 4.06 -56.88
CA ASP A 56 -0.12 3.69 -56.57
C ASP A 56 -0.04 3.14 -55.15
N LYS A 57 0.98 2.33 -54.90
CA LYS A 57 1.20 1.80 -53.57
C LYS A 57 2.09 2.73 -52.78
N ALA A 58 1.97 2.69 -51.46
CA ALA A 58 2.70 3.58 -50.58
C ALA A 58 3.41 2.76 -49.50
N ARG A 59 4.59 3.24 -49.10
CA ARG A 59 5.37 2.63 -48.03
C ARG A 59 6.05 3.71 -47.20
N VAL A 60 6.09 3.52 -45.88
CA VAL A 60 6.85 4.40 -44.99
C VAL A 60 8.07 3.62 -44.51
N LEU A 61 9.24 4.21 -44.70
CA LEU A 61 10.49 3.55 -44.36
C LEU A 61 11.19 4.34 -43.27
N LEU A 62 11.68 3.65 -42.25
CA LEU A 62 12.46 4.26 -41.18
C LEU A 62 13.86 3.67 -41.26
N ASN A 63 14.85 4.50 -41.57
CA ASN A 63 16.22 4.05 -41.80
C ASN A 63 16.23 2.90 -42.81
N ASP A 64 15.60 3.14 -43.97
CA ASP A 64 15.61 2.25 -45.11
C ASP A 64 14.93 0.90 -44.84
N LYS A 65 14.09 0.84 -43.81
CA LYS A 65 13.35 -0.38 -43.46
C LYS A 65 11.87 -0.03 -43.37
N GLU A 66 11.02 -0.97 -43.81
CA GLU A 66 9.60 -0.72 -43.92
C GLU A 66 8.89 -0.82 -42.58
N PHE A 67 8.10 0.21 -42.25
CA PHE A 67 7.26 0.22 -41.07
C PHE A 67 5.77 0.33 -41.39
N TRP A 68 5.42 0.63 -42.64
CA TRP A 68 4.03 0.79 -43.05
C TRP A 68 3.94 0.56 -44.55
N SER A 69 2.82 -0.01 -44.97
CA SER A 69 2.57 -0.26 -46.39
C SER A 69 1.08 -0.23 -46.65
N GLY A 70 0.66 0.53 -47.64
CA GLY A 70 -0.72 0.58 -48.05
C GLY A 70 -0.82 1.22 -49.40
N THR A 71 -1.92 1.94 -49.61
CA THR A 71 -2.21 2.66 -50.85
C THR A 71 -2.28 4.15 -50.53
N GLY A 72 -2.24 4.98 -51.57
CA GLY A 72 -2.32 6.42 -51.38
C GLY A 72 -1.39 7.18 -52.30
N GLY A 73 -1.59 7.00 -53.61
CA GLY A 73 -0.82 7.68 -54.63
C GLY A 73 -0.79 9.19 -54.54
N ALA A 74 -1.93 9.84 -54.72
CA ALA A 74 -2.02 11.30 -54.67
C ALA A 74 -2.59 11.68 -53.32
N ALA A 75 -1.74 12.27 -52.46
CA ALA A 75 -2.08 12.61 -51.08
C ALA A 75 -2.50 11.39 -50.27
N GLY A 76 -1.80 11.15 -49.17
CA GLY A 76 -2.09 10.01 -48.33
C GLY A 76 -1.68 10.29 -46.92
N SER A 77 -1.99 9.34 -46.04
CA SER A 77 -1.58 9.43 -44.66
C SER A 77 -1.40 8.03 -44.11
N ALA A 78 -0.61 7.95 -43.04
CA ALA A 78 -0.21 6.66 -42.50
C ALA A 78 0.00 6.81 -41.01
N SER A 79 -0.33 5.75 -40.29
CA SER A 79 -0.07 5.65 -38.87
C SER A 79 0.47 4.25 -38.60
N PHE A 80 1.50 4.15 -37.76
CA PHE A 80 2.14 2.86 -37.53
C PHE A 80 2.83 2.86 -36.17
N LYS A 81 3.34 1.69 -35.78
CA LYS A 81 3.89 1.47 -34.45
C LYS A 81 5.39 1.28 -34.51
N VAL A 82 6.12 1.99 -33.64
CA VAL A 82 7.56 1.82 -33.50
C VAL A 82 7.83 1.30 -32.09
N LYS A 83 8.55 0.18 -31.99
CA LYS A 83 8.71 -0.50 -30.72
C LYS A 83 10.06 -0.24 -30.05
N LYS A 84 11.05 0.25 -30.78
CA LYS A 84 12.36 0.53 -30.20
C LYS A 84 12.74 1.97 -30.52
N GLY A 85 13.31 2.67 -29.53
CA GLY A 85 13.56 4.09 -29.69
C GLY A 85 14.77 4.39 -30.57
N GLY A 86 14.91 5.65 -30.92
CA GLY A 86 16.05 6.09 -31.71
C GLY A 86 15.69 7.32 -32.52
N ARG A 87 16.69 7.77 -33.29
CA ARG A 87 16.51 8.82 -34.28
C ARG A 87 16.37 8.15 -35.64
N TYR A 88 15.26 8.39 -36.31
CA TYR A 88 14.95 7.72 -37.57
C TYR A 88 14.85 8.70 -38.72
N GLN A 89 15.39 8.30 -39.87
CA GLN A 89 15.11 8.98 -41.13
C GLN A 89 13.83 8.38 -41.70
N MET A 90 12.79 9.20 -41.80
CA MET A 90 11.48 8.79 -42.30
C MET A 90 11.37 9.16 -43.78
N VAL A 91 10.98 8.19 -44.60
CA VAL A 91 10.83 8.36 -46.05
C VAL A 91 9.50 7.76 -46.48
N VAL A 92 8.75 8.50 -47.29
CA VAL A 92 7.55 7.96 -47.93
C VAL A 92 7.90 7.58 -49.36
N GLU A 93 7.62 6.34 -49.71
CA GLU A 93 7.89 5.79 -51.03
C GLU A 93 6.57 5.49 -51.73
N LEU A 94 6.50 5.86 -53.00
CA LEU A 94 5.36 5.57 -53.86
C LEU A 94 5.78 4.71 -55.04
N CYS A 95 4.91 3.78 -55.45
CA CYS A 95 5.25 2.85 -56.51
C CYS A 95 4.12 2.67 -57.51
N ASN A 96 4.49 2.51 -58.77
CA ASN A 96 3.55 2.09 -59.81
C ASN A 96 4.20 0.91 -60.53
N ALA A 97 3.71 0.61 -61.73
CA ALA A 97 4.18 -0.57 -62.45
C ALA A 97 5.63 -0.43 -62.88
N ASP A 98 6.10 0.81 -63.09
CA ASP A 98 7.42 1.09 -63.63
C ASP A 98 8.50 1.15 -62.55
N GLY A 99 8.27 1.91 -61.49
CA GLY A 99 9.29 2.09 -60.47
C GLY A 99 8.79 2.84 -59.26
N CYS A 100 9.74 3.31 -58.45
CA CYS A 100 9.45 3.88 -57.14
C CYS A 100 10.03 5.29 -57.01
N SER A 101 9.30 6.12 -56.27
CA SER A 101 9.70 7.47 -55.89
C SER A 101 9.89 7.51 -54.38
N GLN A 102 10.83 8.34 -53.92
CA GLN A 102 11.13 8.46 -52.49
C GLN A 102 11.06 9.91 -52.04
N SER A 103 10.27 10.16 -50.98
CA SER A 103 10.33 11.43 -50.26
C SER A 103 11.76 11.83 -49.90
N ASP A 104 11.96 13.13 -49.76
CA ASP A 104 13.05 13.62 -48.95
C ASP A 104 12.93 13.06 -47.54
N ALA A 105 14.06 12.71 -46.94
CA ALA A 105 14.03 12.15 -45.60
C ALA A 105 13.78 13.26 -44.57
N THR A 106 12.95 12.95 -43.58
CA THR A 106 12.69 13.83 -42.44
C THR A 106 13.07 13.09 -41.16
N GLU A 107 13.72 13.80 -40.24
CA GLU A 107 14.16 13.17 -39.00
C GLU A 107 13.02 13.17 -37.99
N ILE A 108 12.82 12.03 -37.35
CA ILE A 108 11.91 11.93 -36.23
C ILE A 108 12.69 11.37 -35.05
N ILE A 109 12.25 11.72 -33.83
CA ILE A 109 12.84 11.18 -32.61
C ILE A 109 11.77 10.35 -31.90
N VAL A 110 12.07 9.07 -31.70
CA VAL A 110 11.20 8.16 -30.94
C VAL A 110 11.89 7.92 -29.60
N ALA A 111 11.38 8.53 -28.54
CA ALA A 111 12.05 8.49 -27.25
C ALA A 111 11.67 7.23 -26.49
N ASP A 112 12.65 6.64 -25.82
CA ASP A 112 12.46 5.51 -24.93
C ASP A 112 13.48 5.61 -23.80
N THR A 113 13.15 5.00 -22.66
CA THR A 113 13.89 5.19 -21.43
C THR A 113 15.16 4.38 -21.35
N ASP A 114 15.61 3.77 -22.45
CA ASP A 114 16.94 3.19 -22.54
C ASP A 114 17.94 4.14 -23.17
N GLY A 115 17.54 5.39 -23.44
CA GLY A 115 18.43 6.39 -24.00
C GLY A 115 18.74 6.24 -25.48
N SER A 116 18.02 5.38 -26.21
CA SER A 116 18.31 5.11 -27.63
C SER A 116 18.15 6.35 -28.51
N HIS A 117 17.40 7.35 -28.06
CA HIS A 117 17.19 8.61 -28.76
C HIS A 117 18.18 9.70 -28.37
N LEU A 118 19.12 9.43 -27.46
CA LEU A 118 19.94 10.46 -26.86
C LEU A 118 21.43 10.24 -27.13
N PRO A 119 22.23 11.31 -27.11
CA PRO A 119 23.68 11.14 -27.25
C PRO A 119 24.32 10.63 -25.96
N PRO A 120 25.55 10.14 -26.04
CA PRO A 120 26.23 9.70 -24.81
C PRO A 120 26.45 10.87 -23.85
N LEU A 121 26.55 10.54 -22.57
CA LEU A 121 26.74 11.55 -21.53
C LEU A 121 28.11 12.21 -21.69
N ASP A 122 28.11 13.53 -21.82
CA ASP A 122 29.33 14.29 -21.92
C ASP A 122 29.93 14.49 -20.52
N TYR A 123 31.15 14.01 -20.31
CA TYR A 123 31.80 14.19 -19.02
C TYR A 123 33.24 14.60 -19.25
N ASN A 124 33.75 15.41 -18.32
CA ASN A 124 35.17 15.63 -18.13
C ASN A 124 35.47 15.41 -16.65
N MET A 125 36.61 14.78 -16.37
CA MET A 125 37.00 14.54 -14.99
C MET A 125 37.36 15.82 -14.27
N GLY A 126 36.74 16.05 -13.12
CA GLY A 126 36.93 17.26 -12.36
C GLY A 126 37.56 17.02 -11.00
N GLU A 127 38.08 18.08 -10.39
CA GLU A 127 38.68 18.06 -9.05
C GLU A 127 39.87 17.09 -9.07
N LYS A 128 40.01 16.20 -8.10
CA LYS A 128 41.19 15.36 -8.04
C LYS A 128 41.01 14.00 -8.72
N ASN A 129 39.85 13.76 -9.33
CA ASN A 129 39.58 12.47 -9.97
C ASN A 129 40.56 12.21 -11.11
N LYS A 130 41.12 10.99 -11.15
CA LYS A 130 42.04 10.55 -12.18
C LYS A 130 41.46 9.33 -12.88
N PRO A 131 41.68 9.20 -14.19
CA PRO A 131 41.01 8.13 -14.96
C PRO A 131 41.63 6.75 -14.76
N PHE A 132 40.75 5.76 -14.59
CA PHE A 132 41.10 4.36 -14.43
C PHE A 132 40.38 3.50 -15.48
N LYS A 133 40.93 2.31 -15.71
CA LYS A 133 40.32 1.27 -16.52
C LYS A 133 39.89 0.13 -15.60
N GLN A 134 38.67 -0.36 -15.80
CA GLN A 134 38.10 -1.39 -14.95
C GLN A 134 38.63 -2.75 -15.38
N THR A 135 39.87 -3.04 -14.99
CA THR A 135 40.52 -4.29 -15.37
C THR A 135 40.63 -5.29 -14.23
N SER A 136 40.27 -4.91 -13.00
CA SER A 136 40.48 -5.79 -11.87
C SER A 136 39.47 -6.92 -11.80
N GLY A 137 38.28 -6.74 -12.38
CA GLY A 137 37.21 -7.69 -12.17
C GLY A 137 36.49 -7.55 -10.85
N LYS A 138 36.77 -6.50 -10.09
CA LYS A 138 36.13 -6.20 -8.82
C LYS A 138 35.03 -5.16 -9.01
N VAL A 139 34.07 -5.16 -8.09
CA VAL A 139 33.04 -4.14 -8.07
C VAL A 139 33.63 -2.84 -7.52
N VAL A 140 33.42 -1.76 -8.26
CA VAL A 140 33.72 -0.41 -7.83
C VAL A 140 32.41 0.37 -7.92
N GLY A 141 31.67 0.45 -6.81
CA GLY A 141 30.35 1.03 -6.80
C GLY A 141 30.30 2.32 -6.01
N ALA A 142 29.19 3.04 -6.19
CA ALA A 142 28.99 4.29 -5.47
C ALA A 142 27.52 4.66 -5.52
N TYR A 143 27.04 5.29 -4.45
CA TYR A 143 25.66 5.73 -4.37
C TYR A 143 25.51 7.16 -4.88
N PHE A 144 24.56 7.36 -5.78
CA PHE A 144 24.16 8.69 -6.22
C PHE A 144 22.83 9.01 -5.57
N VAL A 145 22.78 10.09 -4.80
CA VAL A 145 21.54 10.41 -4.10
C VAL A 145 20.74 11.36 -4.99
N GLU A 146 19.41 11.20 -4.94
CA GLU A 146 18.52 11.90 -5.84
C GLU A 146 18.48 13.40 -5.54
N TRP A 147 18.61 13.77 -4.27
CA TRP A 147 18.48 15.16 -3.85
C TRP A 147 19.78 15.95 -3.96
N GLY A 148 20.89 15.32 -4.39
CA GLY A 148 22.18 15.98 -4.52
C GLY A 148 22.25 17.04 -5.59
N VAL A 149 21.17 17.23 -6.36
CA VAL A 149 21.14 18.25 -7.40
C VAL A 149 20.61 19.59 -6.91
N TYR A 150 20.33 19.73 -5.60
CA TYR A 150 19.85 21.01 -5.12
C TYR A 150 21.06 21.74 -4.50
N PRO A 151 21.24 21.91 -3.17
CA PRO A 151 22.38 22.74 -2.73
C PRO A 151 23.74 22.06 -2.90
N ARG A 152 23.78 20.72 -2.98
CA ARG A 152 25.04 20.04 -3.26
C ARG A 152 25.49 20.28 -4.69
N LYS A 153 24.55 20.52 -5.62
CA LYS A 153 24.87 20.78 -7.03
C LYS A 153 25.75 19.69 -7.62
N PHE A 154 25.34 18.42 -7.43
CA PHE A 154 26.04 17.28 -8.00
C PHE A 154 25.12 16.49 -8.94
N PRO A 155 24.91 16.97 -10.16
CA PRO A 155 24.15 16.18 -11.13
C PRO A 155 24.97 14.99 -11.62
N VAL A 156 24.32 14.15 -12.44
CA VAL A 156 24.92 12.89 -12.84
C VAL A 156 26.17 13.11 -13.69
N ASP A 157 26.24 14.25 -14.40
CA ASP A 157 27.39 14.54 -15.25
C ASP A 157 28.64 14.91 -14.48
N ARG A 158 28.56 15.00 -13.15
CA ARG A 158 29.75 15.12 -12.32
C ARG A 158 30.25 13.77 -11.81
N VAL A 159 29.56 12.68 -12.12
CA VAL A 159 29.98 11.36 -11.65
C VAL A 159 31.21 10.92 -12.45
N PRO A 160 32.30 10.50 -11.79
CA PRO A 160 33.47 9.99 -12.55
C PRO A 160 33.19 8.61 -13.13
N ILE A 161 32.41 8.56 -14.20
CA ILE A 161 31.89 7.29 -14.71
C ILE A 161 32.96 6.34 -15.24
N PRO A 162 34.17 6.78 -15.65
CA PRO A 162 35.20 5.77 -15.98
C PRO A 162 35.65 4.95 -14.80
N ASN A 163 35.47 5.45 -13.57
CA ASN A 163 36.07 4.86 -12.38
C ASN A 163 35.08 3.98 -11.61
N LEU A 164 33.96 3.60 -12.23
CA LEU A 164 32.90 2.88 -11.55
C LEU A 164 32.51 1.65 -12.35
N THR A 165 32.10 0.60 -11.63
CA THR A 165 31.38 -0.49 -12.27
C THR A 165 29.89 -0.45 -11.96
N HIS A 166 29.52 0.19 -10.86
CA HIS A 166 28.13 0.23 -10.42
C HIS A 166 27.77 1.63 -9.98
N LEU A 167 26.56 2.06 -10.31
CA LEU A 167 26.01 3.31 -9.78
C LEU A 167 24.68 2.98 -9.14
N LEU A 168 24.54 3.30 -7.86
CA LEU A 168 23.32 3.00 -7.12
C LEU A 168 22.55 4.29 -6.87
N TYR A 169 21.30 4.32 -7.31
CA TYR A 169 20.48 5.53 -7.29
C TYR A 169 19.63 5.55 -6.02
N GLY A 170 20.00 6.39 -5.07
CA GLY A 170 19.28 6.51 -3.82
C GLY A 170 18.44 7.79 -3.80
N PHE A 171 17.16 7.64 -3.45
CA PHE A 171 16.54 6.35 -3.15
C PHE A 171 15.18 6.24 -3.81
N ILE A 172 14.75 5.01 -4.09
CA ILE A 172 13.41 4.73 -4.63
C ILE A 172 12.50 4.41 -3.44
N PRO A 173 11.45 5.18 -3.19
CA PRO A 173 10.57 4.91 -2.06
C PRO A 173 9.52 3.85 -2.38
N ILE A 174 8.88 3.39 -1.31
CA ILE A 174 7.72 2.50 -1.38
C ILE A 174 6.52 3.29 -0.88
N CYS A 175 5.44 3.27 -1.66
CA CYS A 175 4.26 4.06 -1.33
C CYS A 175 3.66 3.62 0.00
N GLY A 176 3.24 4.60 0.80
CA GLY A 176 2.59 4.36 2.08
C GLY A 176 2.55 5.58 2.97
N GLY A 177 1.47 5.79 3.71
CA GLY A 177 1.31 6.96 4.56
C GLY A 177 1.59 6.68 6.03
N ASP A 178 0.72 7.20 6.90
CA ASP A 178 0.87 7.01 8.34
C ASP A 178 0.97 5.53 8.66
N GLY A 179 1.92 5.19 9.52
CA GLY A 179 2.16 3.82 9.93
C GLY A 179 3.07 3.04 8.99
N ILE A 180 3.12 3.43 7.71
CA ILE A 180 3.89 2.71 6.71
C ILE A 180 5.24 3.36 6.44
N ASN A 181 5.31 4.68 6.48
CA ASN A 181 6.57 5.40 6.21
C ASN A 181 6.83 6.43 7.31
N ASP A 182 6.59 6.07 8.57
CA ASP A 182 6.74 7.03 9.65
C ASP A 182 8.16 7.57 9.75
N SER A 183 9.17 6.76 9.41
CA SER A 183 10.55 7.19 9.51
C SER A 183 10.83 8.43 8.66
N LEU A 184 10.09 8.61 7.56
CA LEU A 184 10.28 9.77 6.70
C LEU A 184 9.92 11.07 7.39
N LYS A 185 9.17 11.01 8.49
CA LYS A 185 8.74 12.25 9.13
C LYS A 185 9.87 12.97 9.85
N GLU A 186 11.01 12.29 10.07
CA GLU A 186 12.14 12.94 10.71
C GLU A 186 12.84 13.93 9.79
N ILE A 187 12.65 13.79 8.48
CA ILE A 187 13.19 14.71 7.48
C ILE A 187 12.10 15.68 7.08
N GLU A 188 12.40 16.98 7.14
CA GLU A 188 11.37 17.96 6.86
C GLU A 188 10.89 17.87 5.40
N GLY A 189 9.58 17.87 5.22
CA GLY A 189 9.00 17.83 3.89
C GLY A 189 9.00 16.48 3.22
N SER A 190 9.78 15.50 3.73
CA SER A 190 10.00 14.26 2.99
C SER A 190 8.77 13.37 3.00
N PHE A 191 8.10 13.25 4.14
CA PHE A 191 6.88 12.45 4.19
C PHE A 191 5.81 13.02 3.27
N GLN A 192 5.57 14.33 3.36
CA GLN A 192 4.55 14.96 2.53
C GLN A 192 4.90 14.89 1.05
N ALA A 193 6.19 14.91 0.71
CA ALA A 193 6.58 14.76 -0.69
C ALA A 193 6.22 13.38 -1.23
N LEU A 194 6.45 12.33 -0.42
CA LEU A 194 6.09 10.98 -0.85
C LEU A 194 4.58 10.84 -1.03
N GLN A 195 3.80 11.44 -0.13
CA GLN A 195 2.34 11.35 -0.21
C GLN A 195 1.83 12.01 -1.47
N ARG A 196 2.46 13.12 -1.89
CA ARG A 196 2.06 13.74 -3.15
C ARG A 196 2.42 12.86 -4.32
N SER A 197 3.62 12.28 -4.31
CA SER A 197 4.03 11.40 -5.39
C SER A 197 3.17 10.15 -5.43
N CYS A 198 2.78 9.64 -4.27
CA CYS A 198 2.01 8.42 -4.21
C CYS A 198 0.51 8.66 -4.25
N SER A 199 0.08 9.88 -4.59
CA SER A 199 -1.33 10.25 -4.61
C SER A 199 -2.11 9.34 -5.58
N GLY A 200 -3.07 8.60 -5.03
CA GLY A 200 -3.87 7.69 -5.80
C GLY A 200 -3.20 6.38 -6.15
N ARG A 201 -2.01 6.13 -5.61
CA ARG A 201 -1.26 4.92 -5.90
C ARG A 201 -1.40 3.94 -4.74
N GLU A 202 -1.51 2.66 -5.07
CA GLU A 202 -1.64 1.62 -4.06
C GLU A 202 -0.38 1.57 -3.19
N ASP A 203 -0.60 1.36 -1.89
CA ASP A 203 0.51 1.21 -0.96
C ASP A 203 1.32 -0.04 -1.29
N PHE A 204 2.60 0.00 -0.93
CA PHE A 204 3.55 -1.09 -1.10
C PHE A 204 3.93 -1.29 -2.57
N LYS A 205 3.68 -0.30 -3.40
CA LYS A 205 4.30 -0.22 -4.71
C LYS A 205 5.42 0.81 -4.70
N VAL A 206 6.44 0.55 -5.51
CA VAL A 206 7.51 1.54 -5.66
C VAL A 206 6.98 2.77 -6.36
N SER A 207 7.69 3.89 -6.18
CA SER A 207 7.33 5.15 -6.79
C SER A 207 8.61 5.96 -6.92
N ILE A 208 8.46 7.28 -7.05
CA ILE A 208 9.58 8.23 -7.13
C ILE A 208 9.37 9.30 -6.08
N HIS A 209 10.38 9.51 -5.23
CA HIS A 209 10.21 10.43 -4.11
C HIS A 209 10.08 11.87 -4.58
N ASP A 210 10.95 12.30 -5.50
CA ASP A 210 10.97 13.66 -6.04
C ASP A 210 10.91 13.56 -7.55
N PRO A 211 9.72 13.59 -8.14
CA PRO A 211 9.59 13.54 -9.61
C PRO A 211 10.23 14.72 -10.33
N TRP A 212 10.35 15.87 -9.66
CA TRP A 212 11.00 17.03 -10.29
C TRP A 212 12.47 16.76 -10.50
N ALA A 213 13.19 16.36 -9.46
CA ALA A 213 14.62 16.09 -9.63
C ALA A 213 14.84 14.91 -10.57
N ALA A 214 13.95 13.92 -10.54
CA ALA A 214 14.21 12.69 -11.28
C ALA A 214 13.98 12.85 -12.78
N LEU A 215 12.97 13.63 -13.19
CA LEU A 215 12.53 13.62 -14.59
C LEU A 215 12.29 14.97 -15.22
N GLN A 216 12.08 16.03 -14.45
CA GLN A 216 11.65 17.29 -15.03
C GLN A 216 12.67 18.40 -14.92
N LYS A 217 13.65 18.28 -14.04
CA LYS A 217 14.63 19.35 -13.82
C LYS A 217 15.55 19.49 -15.02
N PRO A 218 15.77 20.70 -15.53
CA PRO A 218 16.72 20.89 -16.63
C PRO A 218 18.12 20.55 -16.18
N GLN A 219 18.80 19.73 -17.00
CA GLN A 219 20.17 19.32 -16.75
C GLN A 219 20.99 19.55 -18.01
N LYS A 220 22.30 19.36 -17.90
CA LYS A 220 23.20 19.56 -19.05
C LYS A 220 22.81 18.61 -20.18
N GLY A 221 22.52 19.18 -21.35
CA GLY A 221 22.11 18.43 -22.52
C GLY A 221 20.64 18.06 -22.58
N LEU A 222 19.87 18.30 -21.51
CA LEU A 222 18.44 17.95 -21.45
C LEU A 222 17.63 19.13 -20.94
N SER A 223 17.64 20.23 -21.71
CA SER A 223 16.97 21.44 -21.27
C SER A 223 15.76 21.83 -22.11
N SER A 224 15.53 21.21 -23.27
CA SER A 224 14.42 21.64 -24.11
C SER A 224 13.09 21.38 -23.41
N TRP A 225 12.11 22.24 -23.69
CA TRP A 225 10.81 22.10 -23.06
C TRP A 225 10.17 20.76 -23.42
N ASN A 226 10.42 20.28 -24.65
CA ASN A 226 9.82 19.04 -25.15
C ASN A 226 10.80 17.87 -25.11
N GLU A 227 11.73 17.86 -24.18
CA GLU A 227 12.52 16.68 -23.93
C GLU A 227 11.67 15.70 -23.12
N PRO A 228 11.43 14.49 -23.62
CA PRO A 228 10.60 13.55 -22.83
C PRO A 228 11.15 13.27 -21.45
N TYR A 229 12.45 13.02 -21.32
CA TYR A 229 13.07 12.63 -20.06
C TYR A 229 14.22 13.56 -19.75
N LYS A 230 14.05 14.41 -18.73
CA LYS A 230 15.10 15.24 -18.17
C LYS A 230 15.46 14.71 -16.79
N GLY A 231 16.01 15.58 -15.95
CA GLY A 231 16.36 15.27 -14.57
C GLY A 231 17.43 14.20 -14.47
N ASN A 232 17.43 13.51 -13.33
CA ASN A 232 18.42 12.47 -13.11
C ASN A 232 18.21 11.30 -14.05
N PHE A 233 16.94 10.93 -14.29
CA PHE A 233 16.61 9.76 -15.11
C PHE A 233 17.07 9.96 -16.57
N GLY A 234 16.89 11.16 -17.13
CA GLY A 234 17.41 11.42 -18.46
C GLY A 234 18.92 11.36 -18.55
N GLN A 235 19.62 11.87 -17.52
CA GLN A 235 21.08 11.84 -17.50
C GLN A 235 21.61 10.42 -17.30
N LEU A 236 20.92 9.60 -16.51
CA LEU A 236 21.32 8.21 -16.39
C LEU A 236 21.07 7.44 -17.69
N MET A 237 20.07 7.86 -18.49
CA MET A 237 19.92 7.28 -19.82
C MET A 237 21.13 7.59 -20.70
N MET A 238 21.57 8.84 -20.67
CA MET A 238 22.75 9.21 -21.46
C MET A 238 24.00 8.55 -20.91
N LEU A 239 24.07 8.34 -19.59
CA LEU A 239 25.18 7.60 -19.02
C LEU A 239 25.27 6.19 -19.59
N LYS A 240 24.13 5.49 -19.72
CA LYS A 240 24.15 4.16 -20.31
C LYS A 240 24.59 4.20 -21.76
N GLN A 241 24.31 5.29 -22.47
CA GLN A 241 24.76 5.41 -23.84
C GLN A 241 26.27 5.67 -23.91
N ALA A 242 26.87 6.20 -22.84
CA ALA A 242 28.31 6.42 -22.78
C ALA A 242 29.07 5.19 -22.26
N LYS A 243 28.55 4.53 -21.24
CA LYS A 243 29.16 3.34 -20.64
C LYS A 243 28.10 2.26 -20.53
N PRO A 244 27.86 1.51 -21.61
CA PRO A 244 26.81 0.49 -21.56
C PRO A 244 27.08 -0.63 -20.57
N ASP A 245 28.35 -0.87 -20.20
CA ASP A 245 28.68 -1.93 -19.24
C ASP A 245 28.57 -1.47 -17.79
N LEU A 246 28.43 -0.18 -17.55
CA LEU A 246 28.26 0.30 -16.18
C LEU A 246 26.85 0.00 -15.70
N LYS A 247 26.74 -0.82 -14.65
CA LYS A 247 25.44 -1.17 -14.07
C LYS A 247 24.87 0.01 -13.29
N ILE A 248 23.65 0.41 -13.62
CA ILE A 248 22.91 1.43 -12.91
C ILE A 248 21.76 0.75 -12.20
N LEU A 249 21.78 0.78 -10.86
CA LEU A 249 20.80 0.08 -10.08
C LEU A 249 19.97 1.05 -9.25
N PRO A 250 18.66 0.85 -9.20
CA PRO A 250 17.85 1.63 -8.28
C PRO A 250 17.89 0.98 -6.90
N SER A 251 18.02 1.81 -5.86
CA SER A 251 18.04 1.31 -4.50
C SER A 251 16.73 1.68 -3.81
N ILE A 252 16.00 0.68 -3.37
CA ILE A 252 14.69 0.86 -2.76
C ILE A 252 14.88 0.80 -1.26
N GLY A 253 14.48 1.85 -0.56
CA GLY A 253 14.63 1.87 0.88
C GLY A 253 15.67 2.84 1.40
N GLY A 254 16.62 2.35 2.17
CA GLY A 254 17.53 3.21 2.92
C GLY A 254 17.02 3.43 4.33
N TRP A 255 17.65 4.39 5.02
CA TRP A 255 17.38 4.59 6.43
C TRP A 255 15.92 4.98 6.68
N THR A 256 15.43 5.98 5.97
CA THR A 256 14.11 6.54 6.19
C THR A 256 13.03 5.94 5.31
N LEU A 257 13.37 4.98 4.45
CA LEU A 257 12.41 4.40 3.50
C LEU A 257 12.29 2.89 3.62
N ALA A 258 12.75 2.32 4.73
CA ALA A 258 12.74 0.87 4.91
C ALA A 258 11.52 0.39 5.69
N ASP A 259 10.72 1.28 6.27
CA ASP A 259 9.58 0.86 7.07
C ASP A 259 8.63 -0.08 6.35
N PRO A 260 8.25 0.14 5.08
CA PRO A 260 7.28 -0.77 4.45
C PRO A 260 7.76 -2.22 4.32
N PHE A 261 9.08 -2.46 4.29
CA PHE A 261 9.58 -3.83 4.15
C PHE A 261 9.11 -4.73 5.30
N PHE A 262 8.85 -4.15 6.46
CA PHE A 262 8.44 -4.94 7.61
C PHE A 262 7.03 -5.51 7.49
N PHE A 263 6.23 -5.04 6.54
CA PHE A 263 4.89 -5.56 6.31
C PHE A 263 4.88 -6.70 5.31
N PHE A 264 6.04 -7.08 4.79
CA PHE A 264 6.14 -8.10 3.77
C PHE A 264 6.04 -9.50 4.34
N THR A 265 5.68 -9.63 5.62
CA THR A 265 5.20 -10.92 6.12
C THR A 265 3.95 -11.36 5.37
N ASP A 266 3.10 -10.41 4.97
CA ASP A 266 1.97 -10.64 4.09
C ASP A 266 2.46 -10.80 2.67
N GLU A 267 2.28 -12.00 2.10
CA GLU A 267 2.71 -12.25 0.74
C GLU A 267 1.91 -11.43 -0.27
N THR A 268 0.69 -11.00 0.07
CA THR A 268 -0.08 -10.16 -0.85
C THR A 268 0.62 -8.83 -1.07
N LYS A 269 1.13 -8.21 0.00
CA LYS A 269 1.90 -6.98 -0.12
C LYS A 269 3.23 -7.22 -0.81
N ARG A 270 3.89 -8.33 -0.48
CA ARG A 270 5.15 -8.65 -1.11
C ARG A 270 4.97 -8.90 -2.60
N ARG A 271 3.86 -9.55 -2.99
CA ARG A 271 3.57 -9.81 -4.40
C ARG A 271 3.30 -8.52 -5.17
N ARG A 272 2.55 -7.59 -4.54
CA ARG A 272 2.32 -6.29 -5.17
C ARG A 272 3.63 -5.52 -5.34
N PHE A 273 4.49 -5.55 -4.32
CA PHE A 273 5.77 -4.86 -4.41
C PHE A 273 6.61 -5.42 -5.55
N VAL A 274 6.72 -6.74 -5.66
CA VAL A 274 7.54 -7.34 -6.71
C VAL A 274 6.97 -7.03 -8.08
N ALA A 275 5.64 -7.01 -8.20
CA ALA A 275 5.02 -6.69 -9.48
C ALA A 275 5.29 -5.24 -9.87
N SER A 276 5.36 -4.34 -8.89
CA SER A 276 5.63 -2.95 -9.20
C SER A 276 7.08 -2.75 -9.63
N VAL A 277 7.98 -3.58 -9.11
CA VAL A 277 9.38 -3.49 -9.52
C VAL A 277 9.54 -3.96 -10.95
N LYS A 278 8.81 -5.02 -11.34
CA LYS A 278 8.82 -5.45 -12.74
C LYS A 278 8.31 -4.35 -13.67
N ASP A 279 7.18 -3.74 -13.30
CA ASP A 279 6.65 -2.62 -14.06
C ASP A 279 7.61 -1.44 -14.05
N PHE A 280 8.30 -1.22 -12.92
CA PHE A 280 9.25 -0.11 -12.78
C PHE A 280 10.41 -0.26 -13.75
N LEU A 281 10.98 -1.47 -13.87
CA LEU A 281 12.12 -1.69 -14.74
C LEU A 281 11.71 -1.71 -16.22
N GLN A 282 10.45 -2.07 -16.52
CA GLN A 282 10.01 -1.96 -17.90
C GLN A 282 9.81 -0.51 -18.29
N THR A 283 9.40 0.32 -17.33
CA THR A 283 9.19 1.75 -17.59
C THR A 283 10.51 2.51 -17.71
N TRP A 284 11.46 2.25 -16.80
CA TRP A 284 12.77 2.91 -16.80
C TRP A 284 13.81 1.86 -17.17
N LYS A 285 14.08 1.76 -18.48
CA LYS A 285 14.86 0.66 -19.05
C LYS A 285 16.36 0.80 -18.84
N PHE A 286 16.84 2.01 -18.50
CA PHE A 286 18.25 2.18 -18.20
C PHE A 286 18.67 1.46 -16.92
N PHE A 287 17.72 1.10 -16.05
CA PHE A 287 18.08 0.35 -14.85
C PHE A 287 18.46 -1.08 -15.21
N ASP A 288 19.42 -1.63 -14.46
CA ASP A 288 19.96 -2.96 -14.74
C ASP A 288 19.62 -3.98 -13.67
N GLY A 289 18.58 -3.74 -12.90
CA GLY A 289 18.20 -4.67 -11.87
C GLY A 289 17.61 -3.94 -10.67
N VAL A 290 17.85 -4.53 -9.48
CA VAL A 290 17.28 -4.02 -8.24
C VAL A 290 18.34 -4.08 -7.16
N ASP A 291 18.37 -3.05 -6.33
CA ASP A 291 19.16 -3.03 -5.10
C ASP A 291 18.21 -2.81 -3.94
N ILE A 292 18.19 -3.75 -3.00
CA ILE A 292 17.28 -3.72 -1.87
C ILE A 292 18.05 -3.24 -0.64
N ASP A 293 17.66 -2.09 -0.10
CA ASP A 293 18.31 -1.54 1.08
C ASP A 293 17.30 -1.52 2.22
N TRP A 294 17.11 -2.70 2.81
CA TRP A 294 16.21 -2.85 3.95
C TRP A 294 17.06 -2.73 5.22
N GLU A 295 16.83 -1.68 6.01
CA GLU A 295 17.62 -1.39 7.20
C GLU A 295 16.70 -1.30 8.42
N PHE A 296 16.55 -2.39 9.17
CA PHE A 296 17.18 -3.67 8.87
C PHE A 296 16.19 -4.79 9.14
N PRO A 297 16.41 -5.96 8.54
CA PRO A 297 15.62 -7.14 8.95
C PRO A 297 15.83 -7.41 10.44
N GLY A 298 14.72 -7.46 11.16
CA GLY A 298 14.72 -7.63 12.60
C GLY A 298 14.60 -6.35 13.40
N GLY A 299 14.82 -5.19 12.76
CA GLY A 299 14.69 -3.91 13.41
C GLY A 299 15.99 -3.16 13.60
N LYS A 300 16.03 -2.28 14.61
CA LYS A 300 17.21 -1.48 14.92
C LYS A 300 17.58 -0.55 13.77
N GLY A 301 16.61 -0.21 12.92
CA GLY A 301 16.74 0.83 11.94
C GLY A 301 16.19 2.14 12.48
N ALA A 302 15.62 2.95 11.59
CA ALA A 302 15.08 4.25 12.00
C ALA A 302 13.82 4.11 12.87
N ASN A 303 12.98 3.11 12.61
CA ASN A 303 11.75 2.93 13.38
C ASN A 303 12.00 2.01 14.58
N PRO A 304 11.84 2.48 15.82
CA PRO A 304 12.08 1.61 16.97
C PRO A 304 10.96 0.63 17.28
N ASN A 305 9.82 0.72 16.60
CA ASN A 305 8.68 -0.15 16.85
C ASN A 305 8.50 -1.20 15.76
N LEU A 306 9.43 -1.29 14.82
CA LEU A 306 9.36 -2.27 13.75
C LEU A 306 10.50 -3.26 13.91
N GLY A 307 10.25 -4.50 13.48
CA GLY A 307 11.25 -5.52 13.59
C GLY A 307 10.68 -6.81 14.15
N SER A 308 11.13 -7.94 13.61
CA SER A 308 10.72 -9.24 14.14
C SER A 308 11.75 -10.26 13.66
N PRO A 309 12.00 -11.31 14.43
CA PRO A 309 12.94 -12.35 13.98
C PRO A 309 12.49 -13.02 12.71
N LYS A 310 11.21 -12.94 12.37
CA LYS A 310 10.72 -13.53 11.12
C LYS A 310 11.15 -12.72 9.91
N ASP A 311 11.73 -11.53 10.11
CA ASP A 311 12.20 -10.74 8.98
C ASP A 311 13.28 -11.46 8.18
N GLY A 312 14.04 -12.35 8.83
CA GLY A 312 15.10 -13.05 8.12
C GLY A 312 14.57 -13.92 7.00
N GLU A 313 13.46 -14.63 7.25
CA GLU A 313 12.87 -15.49 6.23
C GLU A 313 12.15 -14.68 5.18
N ILE A 314 11.49 -13.60 5.63
CA ILE A 314 10.86 -12.67 4.69
C ILE A 314 11.90 -12.10 3.74
N TYR A 315 13.09 -11.79 4.25
CA TYR A 315 14.16 -11.28 3.40
C TYR A 315 14.56 -12.31 2.34
N VAL A 316 14.70 -13.56 2.74
CA VAL A 316 15.11 -14.61 1.80
C VAL A 316 14.03 -14.86 0.76
N LEU A 317 12.75 -14.79 1.18
CA LEU A 317 11.64 -14.97 0.24
C LEU A 317 11.58 -13.82 -0.75
N LEU A 318 11.79 -12.60 -0.26
CA LEU A 318 11.79 -11.44 -1.14
C LEU A 318 12.85 -11.59 -2.22
N MET A 319 14.06 -12.02 -1.84
CA MET A 319 15.12 -12.19 -2.83
C MET A 319 14.79 -13.29 -3.82
N LYS A 320 14.17 -14.38 -3.33
CA LYS A 320 13.79 -15.46 -4.24
C LYS A 320 12.76 -14.98 -5.25
N GLU A 321 11.76 -14.22 -4.79
CA GLU A 321 10.72 -13.74 -5.68
C GLU A 321 11.22 -12.64 -6.62
N LEU A 322 12.14 -11.80 -6.14
CA LEU A 322 12.70 -10.76 -7.01
C LEU A 322 13.50 -11.38 -8.15
N ARG A 323 14.31 -12.39 -7.84
CA ARG A 323 15.06 -13.07 -8.89
C ARG A 323 14.12 -13.81 -9.84
N GLU A 324 13.08 -14.46 -9.32
CA GLU A 324 12.14 -15.12 -10.22
C GLU A 324 11.51 -14.11 -11.16
N MET A 325 11.20 -12.92 -10.65
CA MET A 325 10.66 -11.87 -11.50
C MET A 325 11.69 -11.44 -12.53
N LEU A 326 12.93 -11.21 -12.09
CA LEU A 326 13.97 -10.81 -13.03
C LEU A 326 14.24 -11.91 -14.05
N ASN A 327 14.00 -13.17 -13.69
CA ASN A 327 14.18 -14.27 -14.64
C ASN A 327 13.16 -14.20 -15.77
N GLU A 328 11.90 -13.94 -15.44
CA GLU A 328 10.88 -13.84 -16.47
C GLU A 328 11.01 -12.53 -17.24
N LEU A 329 11.54 -11.50 -16.60
CA LEU A 329 11.84 -10.25 -17.29
C LEU A 329 12.99 -10.43 -18.28
N SER A 330 13.98 -11.26 -17.91
CA SER A 330 15.01 -11.63 -18.87
C SER A 330 14.43 -12.33 -20.09
N ALA A 331 13.43 -13.21 -19.88
CA ALA A 331 12.86 -13.95 -20.99
C ALA A 331 12.19 -13.02 -22.00
N GLU A 332 11.63 -11.90 -21.52
CA GLU A 332 10.96 -10.99 -22.45
C GLU A 332 11.95 -10.06 -23.13
N THR A 333 12.95 -9.58 -22.41
CA THR A 333 13.83 -8.54 -22.94
C THR A 333 15.18 -9.10 -23.37
N GLY A 334 15.52 -10.33 -22.97
CA GLY A 334 16.79 -10.90 -23.31
C GLY A 334 17.97 -10.32 -22.58
N ARG A 335 17.75 -9.41 -21.64
CA ARG A 335 18.84 -8.79 -20.89
C ARG A 335 19.15 -9.58 -19.61
N LYS A 336 20.35 -9.35 -19.08
CA LYS A 336 20.76 -9.92 -17.80
C LYS A 336 20.57 -8.85 -16.73
N TYR A 337 19.96 -9.23 -15.60
CA TYR A 337 19.63 -8.30 -14.53
C TYR A 337 20.31 -8.69 -13.23
N GLU A 338 20.69 -7.69 -12.43
CA GLU A 338 21.40 -7.94 -11.19
C GLU A 338 20.50 -7.69 -9.99
N LEU A 339 20.58 -8.59 -9.00
CA LEU A 339 19.92 -8.44 -7.72
C LEU A 339 21.00 -8.26 -6.65
N THR A 340 20.93 -7.14 -5.96
CA THR A 340 21.92 -6.75 -4.94
C THR A 340 21.19 -6.20 -3.72
N SER A 341 21.94 -6.03 -2.64
CA SER A 341 21.33 -5.45 -1.46
C SER A 341 22.41 -4.94 -0.51
N ALA A 342 22.11 -3.84 0.16
CA ALA A 342 22.99 -3.27 1.17
C ALA A 342 22.53 -3.75 2.53
N ILE A 343 23.44 -4.35 3.29
CA ILE A 343 23.12 -4.94 4.59
C ILE A 343 24.01 -4.32 5.66
N SER A 344 23.50 -4.29 6.89
CA SER A 344 24.28 -3.86 8.03
C SER A 344 25.54 -4.70 8.16
N ALA A 345 26.62 -4.06 8.61
CA ALA A 345 27.86 -4.77 8.88
C ALA A 345 27.99 -5.24 10.33
N GLY A 346 26.98 -4.99 11.17
CA GLY A 346 27.03 -5.41 12.56
C GLY A 346 26.49 -6.81 12.74
N TRP A 347 27.22 -7.61 13.51
CA TRP A 347 26.87 -9.01 13.72
C TRP A 347 25.47 -9.17 14.29
N ASP A 348 25.07 -8.25 15.18
CA ASP A 348 23.76 -8.33 15.81
C ASP A 348 22.62 -8.12 14.82
N LYS A 349 22.93 -7.73 13.59
CA LYS A 349 21.93 -7.70 12.54
C LYS A 349 22.18 -8.73 11.47
N ILE A 350 23.45 -9.06 11.21
CA ILE A 350 23.77 -10.14 10.30
C ILE A 350 23.07 -11.42 10.75
N GLN A 351 23.06 -11.68 12.06
CA GLN A 351 22.53 -12.92 12.60
C GLN A 351 21.06 -13.12 12.30
N VAL A 352 20.33 -12.04 12.01
CA VAL A 352 18.89 -12.17 11.78
C VAL A 352 18.62 -12.94 10.50
N VAL A 353 19.43 -12.72 9.47
CA VAL A 353 19.17 -13.23 8.13
C VAL A 353 20.13 -14.36 7.83
N ASP A 354 19.60 -15.42 7.19
CA ASP A 354 20.42 -16.50 6.66
C ASP A 354 20.85 -16.11 5.24
N TYR A 355 21.94 -15.34 5.17
CA TYR A 355 22.38 -14.84 3.88
C TYR A 355 22.83 -15.96 2.97
N SER A 356 23.33 -17.08 3.52
CA SER A 356 23.79 -18.13 2.62
C SER A 356 22.64 -18.77 1.89
N ALA A 357 21.44 -18.71 2.46
CA ALA A 357 20.26 -19.14 1.73
C ALA A 357 19.78 -18.07 0.77
N ALA A 358 20.04 -16.79 1.09
CA ALA A 358 19.60 -15.72 0.22
C ALA A 358 20.57 -15.39 -0.90
N GLN A 359 21.86 -15.71 -0.72
CA GLN A 359 22.90 -15.32 -1.67
C GLN A 359 22.78 -16.02 -3.02
N LYS A 360 21.99 -17.09 -3.13
CA LYS A 360 21.88 -17.80 -4.41
C LYS A 360 21.07 -17.03 -5.43
N TYR A 361 20.30 -16.03 -5.01
CA TYR A 361 19.55 -15.19 -5.93
C TYR A 361 20.24 -13.86 -6.25
N MET A 362 21.31 -13.53 -5.55
CA MET A 362 21.87 -12.18 -5.55
C MET A 362 23.23 -12.15 -6.23
N ASP A 363 23.52 -11.01 -6.86
CA ASP A 363 24.83 -10.88 -7.48
C ASP A 363 25.87 -10.31 -6.54
N HIS A 364 25.48 -9.39 -5.65
CA HIS A 364 26.40 -8.71 -4.77
C HIS A 364 25.71 -8.35 -3.45
N ILE A 365 26.50 -8.27 -2.40
CA ILE A 365 26.09 -7.79 -1.10
C ILE A 365 26.96 -6.57 -0.79
N PHE A 366 26.33 -5.40 -0.72
CA PHE A 366 27.05 -4.16 -0.43
C PHE A 366 27.16 -4.01 1.09
N PHE A 367 28.29 -4.49 1.62
CA PHE A 367 28.51 -4.57 3.07
C PHE A 367 28.66 -3.17 3.66
N MET A 368 27.67 -2.74 4.44
CA MET A 368 27.67 -1.39 5.00
C MET A 368 28.65 -1.29 6.19
N SER A 369 29.94 -1.39 5.86
CA SER A 369 31.01 -1.27 6.83
C SER A 369 31.32 0.21 7.07
N TYR A 370 30.29 0.93 7.55
CA TYR A 370 30.45 2.30 7.99
C TYR A 370 29.32 2.60 8.96
N ASP A 371 29.31 3.83 9.47
CA ASP A 371 28.36 4.25 10.49
C ASP A 371 28.41 3.35 11.73
N PHE A 372 29.59 2.82 12.05
CA PHE A 372 29.77 2.05 13.26
C PHE A 372 29.68 2.93 14.51
N LYS A 373 30.00 4.22 14.38
CA LYS A 373 29.95 5.18 15.47
C LYS A 373 29.51 6.53 14.93
N GLY A 374 28.94 7.35 15.81
CA GLY A 374 28.51 8.68 15.39
C GLY A 374 27.88 9.42 16.55
N ALA A 375 27.50 10.66 16.27
CA ALA A 375 26.98 11.63 17.22
C ALA A 375 25.59 11.28 17.74
N TRP A 376 25.01 10.11 17.43
CA TRP A 376 23.83 9.66 18.15
C TRP A 376 24.16 9.20 19.55
N SER A 377 25.43 9.25 19.94
CA SER A 377 25.85 8.92 21.29
C SER A 377 26.96 9.87 21.70
N ASN A 378 26.86 10.42 22.90
CA ASN A 378 27.90 11.30 23.42
C ASN A 378 29.03 10.54 24.08
N ASP A 379 28.76 9.33 24.57
CA ASP A 379 29.68 8.60 25.42
C ASP A 379 30.47 7.52 24.70
N THR A 380 30.01 7.06 23.55
CA THR A 380 30.64 5.95 22.85
C THR A 380 31.31 6.53 21.61
N LEU A 381 32.58 6.89 21.75
CA LEU A 381 33.39 7.41 20.65
C LEU A 381 34.28 6.30 20.12
N GLY A 382 34.46 6.29 18.80
CA GLY A 382 35.25 5.28 18.14
C GLY A 382 35.32 5.54 16.65
N HIS A 383 35.87 4.56 15.94
CA HIS A 383 36.04 4.64 14.50
C HIS A 383 34.72 4.33 13.80
N GLN A 384 34.34 5.19 12.85
CA GLN A 384 33.09 5.01 12.12
C GLN A 384 33.16 3.83 11.15
N ALA A 385 34.33 3.53 10.61
CA ALA A 385 34.38 2.56 9.53
C ALA A 385 35.75 1.92 9.39
N SER A 386 36.43 1.69 10.52
CA SER A 386 37.78 1.17 10.49
C SER A 386 37.81 -0.27 9.96
N LEU A 387 39.00 -0.70 9.56
CA LEU A 387 39.19 -2.08 9.14
C LEU A 387 39.20 -3.02 10.34
N TYR A 388 40.03 -2.72 11.35
CA TYR A 388 40.18 -3.58 12.51
C TYR A 388 39.81 -2.82 13.78
N ALA A 389 39.92 -3.54 14.92
CA ALA A 389 39.67 -2.92 16.23
C ALA A 389 40.88 -2.08 16.66
N PRO A 390 40.66 -0.96 17.34
CA PRO A 390 41.78 -0.13 17.81
C PRO A 390 42.51 -0.78 18.99
N ASP A 391 43.65 -0.14 19.36
CA ASP A 391 44.49 -0.66 20.44
C ASP A 391 43.75 -0.67 21.76
N TRP A 392 43.10 0.45 22.10
CA TRP A 392 42.48 0.65 23.40
C TRP A 392 41.16 -0.08 23.55
N ASN A 393 40.74 -0.83 22.54
CA ASN A 393 39.49 -1.58 22.60
C ASN A 393 39.55 -2.73 21.61
N GLU A 394 40.43 -3.70 21.86
CA GLU A 394 40.67 -4.75 20.89
C GLU A 394 39.47 -5.65 20.70
N LYS A 395 38.47 -5.57 21.59
CA LYS A 395 37.29 -6.41 21.51
C LYS A 395 36.13 -5.72 20.79
N GLU A 396 36.39 -4.62 20.08
CA GLU A 396 35.35 -3.94 19.32
C GLU A 396 34.87 -4.84 18.18
N THR A 397 33.57 -5.10 18.13
CA THR A 397 33.03 -5.96 17.08
C THR A 397 32.47 -5.19 15.89
N TYR A 398 32.29 -3.88 16.01
CA TYR A 398 31.84 -3.07 14.87
C TYR A 398 33.06 -2.56 14.09
N THR A 399 33.69 -3.51 13.41
CA THR A 399 34.80 -3.23 12.51
C THR A 399 34.51 -3.87 11.15
N THR A 400 35.17 -3.41 10.10
CA THR A 400 34.99 -4.04 8.79
C THR A 400 35.40 -5.53 8.85
N ASP A 401 36.51 -5.83 9.52
CA ASP A 401 36.99 -7.21 9.61
C ASP A 401 36.02 -8.09 10.39
N PHE A 402 35.55 -7.60 11.54
CA PHE A 402 34.69 -8.46 12.37
C PHE A 402 33.39 -8.80 11.65
N GLY A 403 32.79 -7.82 10.97
CA GLY A 403 31.57 -8.08 10.24
C GLY A 403 31.77 -8.95 9.02
N VAL A 404 32.85 -8.71 8.27
CA VAL A 404 33.15 -9.54 7.11
C VAL A 404 33.32 -10.99 7.53
N GLN A 405 34.13 -11.25 8.56
CA GLN A 405 34.37 -12.63 9.00
C GLN A 405 33.13 -13.29 9.54
N PHE A 406 32.24 -12.51 10.18
CA PHE A 406 30.96 -13.06 10.64
C PHE A 406 30.06 -13.44 9.47
N LEU A 407 30.01 -12.61 8.44
CA LEU A 407 29.21 -12.96 7.26
C LEU A 407 29.83 -14.12 6.52
N LEU A 408 31.16 -14.13 6.41
CA LEU A 408 31.85 -15.28 5.81
C LEU A 408 31.55 -16.56 6.58
N ALA A 409 31.54 -16.48 7.93
CA ALA A 409 31.27 -17.64 8.77
C ALA A 409 29.87 -18.19 8.55
N GLN A 410 28.96 -17.42 7.97
CA GLN A 410 27.65 -17.90 7.59
C GLN A 410 27.68 -18.75 6.32
N GLY A 411 28.79 -18.80 5.60
CA GLY A 411 28.82 -19.49 4.33
C GLY A 411 28.46 -18.61 3.14
N VAL A 412 28.58 -17.29 3.27
CA VAL A 412 28.38 -16.40 2.13
C VAL A 412 29.63 -16.41 1.29
N SER A 413 29.43 -16.42 -0.01
CA SER A 413 30.54 -16.45 -0.96
C SER A 413 31.35 -15.16 -0.85
N PRO A 414 32.66 -15.24 -0.65
CA PRO A 414 33.47 -14.01 -0.59
C PRO A 414 33.43 -13.15 -1.83
N LYS A 415 33.09 -13.68 -3.01
CA LYS A 415 33.08 -12.83 -4.20
C LYS A 415 31.82 -11.97 -4.30
N LYS A 416 30.84 -12.15 -3.42
CA LYS A 416 29.64 -11.33 -3.41
C LYS A 416 29.70 -10.21 -2.40
N ILE A 417 30.66 -10.24 -1.49
CA ILE A 417 30.78 -9.24 -0.43
C ILE A 417 31.57 -8.04 -0.96
N VAL A 418 30.94 -6.87 -0.97
CA VAL A 418 31.56 -5.64 -1.43
C VAL A 418 31.71 -4.70 -0.24
N VAL A 419 32.96 -4.34 0.12
CA VAL A 419 33.22 -3.63 1.36
C VAL A 419 32.89 -2.15 1.23
N GLY A 420 32.22 -1.59 2.24
CA GLY A 420 31.80 -0.19 2.22
C GLY A 420 32.94 0.77 2.58
N VAL A 421 32.92 1.93 1.93
CA VAL A 421 33.90 2.99 2.11
C VAL A 421 33.13 4.30 2.29
N ALA A 422 33.52 5.09 3.28
CA ALA A 422 32.80 6.30 3.65
C ALA A 422 33.43 7.52 3.01
N MET A 423 32.65 8.20 2.18
CA MET A 423 33.06 9.49 1.61
C MET A 423 32.66 10.65 2.50
N TYR A 424 32.51 10.40 3.79
CA TYR A 424 32.09 11.43 4.71
C TYR A 424 32.63 11.05 6.08
N GLY A 425 32.71 12.06 6.95
CA GLY A 425 33.08 11.86 8.33
C GLY A 425 31.87 12.05 9.23
N ARG A 426 31.84 11.29 10.32
CA ARG A 426 30.92 11.51 11.42
C ARG A 426 31.72 12.03 12.61
N GLY A 427 31.18 13.03 13.30
CA GLY A 427 32.00 13.70 14.28
C GLY A 427 31.23 14.19 15.49
N TRP A 428 32.00 14.59 16.50
CA TRP A 428 31.49 15.09 17.76
C TRP A 428 32.14 16.44 18.06
N THR A 429 31.53 17.20 18.97
CA THR A 429 32.13 18.43 19.45
C THR A 429 32.26 18.37 20.97
N GLY A 430 33.15 19.19 21.51
CA GLY A 430 33.34 19.29 22.95
C GLY A 430 33.83 18.03 23.64
N VAL A 431 34.68 17.26 22.97
CA VAL A 431 35.19 16.04 23.58
C VAL A 431 36.15 16.42 24.70
N HIS A 432 35.92 15.86 25.89
CA HIS A 432 36.67 16.21 27.07
C HIS A 432 36.86 14.98 27.93
N GLY A 433 37.75 15.09 28.91
CA GLY A 433 37.97 14.02 29.85
C GLY A 433 38.61 12.78 29.28
N TYR A 434 39.48 12.92 28.29
CA TYR A 434 40.11 11.78 27.66
C TYR A 434 41.51 11.57 28.22
N LYS A 435 41.91 10.31 28.31
CA LYS A 435 43.20 9.92 28.85
C LYS A 435 44.17 9.54 27.73
N ASP A 436 45.44 9.47 28.10
CA ASP A 436 46.51 8.89 27.27
C ASP A 436 46.62 9.59 25.92
N ASN A 437 46.24 10.87 25.88
CA ASN A 437 46.23 11.66 24.65
C ASN A 437 45.37 11.01 23.56
N ASN A 438 44.33 10.27 23.96
CA ASN A 438 43.45 9.57 23.02
C ASN A 438 42.04 10.16 23.09
N PRO A 439 41.65 11.03 22.16
CA PRO A 439 40.36 11.74 22.30
C PRO A 439 39.15 10.82 22.27
N PHE A 440 39.31 9.57 21.86
CA PHE A 440 38.19 8.64 21.83
C PHE A 440 37.81 8.11 23.22
N THR A 441 38.66 8.28 24.22
CA THR A 441 38.38 7.84 25.59
C THR A 441 37.46 8.79 26.35
N GLY A 442 37.22 9.99 25.82
CA GLY A 442 36.41 10.98 26.47
C GLY A 442 34.94 10.87 26.09
N ASN A 443 34.20 11.96 26.37
CA ASN A 443 32.81 12.11 25.99
C ASN A 443 32.64 13.42 25.25
N ALA A 444 31.64 13.46 24.37
CA ALA A 444 31.29 14.66 23.64
C ALA A 444 30.14 15.39 24.33
N THR A 445 29.93 16.63 23.93
CA THR A 445 28.76 17.39 24.37
C THR A 445 27.74 17.57 23.26
N GLY A 446 27.98 17.00 22.08
CA GLY A 446 27.10 17.15 20.94
C GLY A 446 27.77 16.85 19.62
N PRO A 447 27.04 17.00 18.53
CA PRO A 447 27.61 16.71 17.21
C PRO A 447 28.56 17.80 16.74
N VAL A 448 29.47 17.40 15.85
CA VAL A 448 30.34 18.37 15.18
C VAL A 448 29.51 19.18 14.19
N LYS A 449 29.97 20.40 13.90
CA LYS A 449 29.36 21.20 12.83
C LYS A 449 29.57 20.53 11.48
N GLY A 450 28.47 20.28 10.76
CA GLY A 450 28.51 19.51 9.54
C GLY A 450 28.29 20.35 8.28
N THR A 451 28.47 19.67 7.14
CA THR A 451 28.28 20.35 5.87
C THR A 451 26.81 20.61 5.62
N TRP A 452 25.99 19.56 5.62
CA TRP A 452 24.56 19.64 5.36
C TRP A 452 23.68 19.18 6.51
N GLN A 453 24.18 18.29 7.37
CA GLN A 453 23.45 17.78 8.51
C GLN A 453 24.34 17.87 9.73
N ASP A 454 23.74 17.91 10.90
CA ASP A 454 24.55 17.95 12.10
C ASP A 454 25.22 16.60 12.30
N GLY A 455 26.53 16.62 12.54
CA GLY A 455 27.27 15.41 12.82
C GLY A 455 27.89 14.69 11.66
N VAL A 456 27.74 15.20 10.43
CA VAL A 456 28.27 14.54 9.24
C VAL A 456 28.92 15.59 8.35
N VAL A 457 30.14 15.32 7.88
CA VAL A 457 30.93 16.27 7.13
C VAL A 457 31.38 15.59 5.83
N ASP A 458 31.20 16.29 4.71
CA ASP A 458 31.68 15.75 3.44
C ASP A 458 33.20 15.58 3.47
N TYR A 459 33.68 14.47 2.89
CA TYR A 459 35.13 14.27 2.81
C TYR A 459 35.80 15.41 2.06
N ARG A 460 35.11 16.00 1.08
CA ARG A 460 35.67 17.13 0.36
C ARG A 460 36.03 18.26 1.32
N GLU A 461 35.17 18.51 2.32
CA GLU A 461 35.44 19.57 3.27
C GLU A 461 36.46 19.17 4.32
N ILE A 462 36.48 17.89 4.71
CA ILE A 462 37.52 17.44 5.63
C ILE A 462 38.90 17.62 5.00
N ALA A 463 39.02 17.31 3.70
CA ALA A 463 40.29 17.47 3.02
C ALA A 463 40.69 18.94 2.93
N THR A 464 39.75 19.81 2.53
CA THR A 464 40.06 21.23 2.38
C THR A 464 40.51 21.84 3.69
N GLU A 465 39.79 21.53 4.78
CA GLU A 465 40.14 22.09 6.08
C GLU A 465 41.45 21.54 6.63
N ILE A 466 41.81 20.30 6.25
CA ILE A 466 43.13 19.81 6.61
C ILE A 466 44.21 20.61 5.88
N ALA A 467 44.05 20.82 4.57
CA ALA A 467 45.08 21.58 3.85
C ALA A 467 45.21 22.99 4.42
N GLN A 468 44.13 23.53 4.99
CA GLN A 468 44.11 24.85 5.59
C GLN A 468 44.59 24.84 7.05
N GLY A 469 45.11 23.72 7.52
CA GLY A 469 45.64 23.69 8.87
C GLY A 469 44.60 23.87 9.96
N LYS A 470 43.35 23.51 9.70
CA LYS A 470 42.31 23.64 10.70
C LYS A 470 42.10 22.36 11.51
N TRP A 471 42.97 21.36 11.33
CA TRP A 471 42.77 20.06 11.95
C TRP A 471 44.11 19.44 12.35
N GLU A 472 44.08 18.64 13.41
CA GLU A 472 45.18 17.75 13.76
C GLU A 472 44.87 16.38 13.17
N TYR A 473 45.60 15.99 12.13
CA TYR A 473 45.35 14.72 11.45
C TYR A 473 46.08 13.60 12.16
N HIS A 474 45.39 12.50 12.40
CA HIS A 474 45.97 11.29 12.97
C HIS A 474 45.48 10.10 12.16
N TYR A 475 46.33 9.09 12.05
CA TYR A 475 45.97 7.83 11.41
C TYR A 475 46.25 6.71 12.41
N ASP A 476 45.19 6.06 12.87
CA ASP A 476 45.28 4.86 13.71
C ASP A 476 45.74 3.70 12.84
N LYS A 477 47.02 3.34 12.94
CA LYS A 477 47.58 2.30 12.08
C LYS A 477 47.22 0.89 12.54
N VAL A 478 46.65 0.74 13.74
CA VAL A 478 46.14 -0.57 14.15
C VAL A 478 44.75 -0.82 13.57
N ALA A 479 43.83 0.12 13.76
CA ALA A 479 42.47 0.01 13.22
C ALA A 479 42.39 0.36 11.75
N GLN A 480 43.46 0.95 11.18
CA GLN A 480 43.51 1.41 9.80
C GLN A 480 42.38 2.40 9.52
N ALA A 481 42.40 3.48 10.29
CA ALA A 481 41.39 4.50 10.14
C ALA A 481 42.01 5.85 10.43
N PRO A 482 41.65 6.88 9.70
CA PRO A 482 42.10 8.23 10.04
C PRO A 482 41.07 8.92 10.93
N TYR A 483 41.50 10.04 11.51
CA TYR A 483 40.60 10.95 12.20
C TYR A 483 41.31 12.29 12.37
N VAL A 484 40.50 13.35 12.44
CA VAL A 484 40.98 14.70 12.73
C VAL A 484 40.44 15.11 14.09
N PHE A 485 41.21 15.93 14.81
CA PHE A 485 40.86 16.37 16.15
C PHE A 485 41.27 17.82 16.35
N ARG A 486 40.47 18.54 17.14
CA ARG A 486 40.77 19.92 17.49
C ARG A 486 40.80 20.04 19.01
N PRO A 487 41.99 20.01 19.64
CA PRO A 487 42.05 19.95 21.11
C PRO A 487 41.36 21.11 21.81
N ALA A 488 41.41 22.32 21.24
CA ALA A 488 40.79 23.49 21.86
C ALA A 488 39.28 23.28 22.04
N THR A 489 38.55 23.16 20.94
CA THR A 489 37.10 23.02 20.99
C THR A 489 36.63 21.58 21.21
N GLY A 490 37.52 20.59 21.12
CA GLY A 490 37.12 19.20 21.27
C GLY A 490 36.44 18.60 20.05
N ASP A 491 36.72 19.13 18.86
CA ASP A 491 36.08 18.64 17.64
C ASP A 491 36.82 17.39 17.15
N LEU A 492 36.08 16.31 16.96
CA LEU A 492 36.62 15.02 16.53
C LEU A 492 35.79 14.49 15.37
N ILE A 493 36.46 13.96 14.35
CA ILE A 493 35.78 13.43 13.18
C ILE A 493 36.46 12.15 12.74
N THR A 494 35.68 11.09 12.58
CA THR A 494 36.16 9.80 12.07
C THR A 494 35.66 9.65 10.63
N TYR A 495 36.53 9.25 9.73
CA TYR A 495 36.18 9.17 8.32
C TYR A 495 37.08 8.16 7.65
N ASP A 496 36.92 8.02 6.34
CA ASP A 496 37.77 7.20 5.49
C ASP A 496 38.63 8.14 4.65
N ASP A 497 39.92 7.87 4.60
CA ASP A 497 40.82 8.65 3.79
C ASP A 497 41.46 7.74 2.75
N ALA A 498 42.31 8.34 1.90
CA ALA A 498 42.95 7.56 0.85
C ALA A 498 43.70 6.37 1.41
N ARG A 499 44.21 6.48 2.62
CA ARG A 499 45.02 5.43 3.23
C ARG A 499 44.17 4.26 3.72
N SER A 500 43.10 4.55 4.47
CA SER A 500 42.21 3.50 4.92
C SER A 500 41.44 2.87 3.76
N THR A 501 41.16 3.64 2.72
CA THR A 501 40.51 3.07 1.55
C THR A 501 41.42 2.08 0.84
N ILE A 502 42.68 2.47 0.62
CA ILE A 502 43.63 1.54 0.00
C ILE A 502 43.80 0.29 0.87
N GLU A 503 43.84 0.47 2.20
CA GLU A 503 43.94 -0.67 3.10
C GLU A 503 42.72 -1.57 3.01
N LYS A 504 41.52 -0.99 2.79
CA LYS A 504 40.33 -1.81 2.58
C LYS A 504 40.40 -2.56 1.25
N GLY A 505 40.92 -1.91 0.20
CA GLY A 505 41.12 -2.61 -1.06
C GLY A 505 42.13 -3.74 -0.97
N LYS A 506 43.17 -3.56 -0.15
CA LYS A 506 44.12 -4.65 0.09
C LYS A 506 43.45 -5.79 0.85
N TYR A 507 42.54 -5.47 1.75
CA TYR A 507 41.83 -6.51 2.48
C TYR A 507 40.88 -7.27 1.56
N VAL A 508 40.18 -6.55 0.69
CA VAL A 508 39.29 -7.15 -0.30
C VAL A 508 40.07 -8.13 -1.18
N ARG A 509 41.21 -7.69 -1.68
CA ARG A 509 42.01 -8.55 -2.55
C ARG A 509 42.57 -9.73 -1.78
N ALA A 510 43.05 -9.50 -0.57
CA ALA A 510 43.67 -10.57 0.21
C ALA A 510 42.67 -11.69 0.54
N ASN A 511 41.41 -11.35 0.79
CA ASN A 511 40.40 -12.33 1.14
C ASN A 511 39.49 -12.71 -0.03
N LYS A 512 39.84 -12.32 -1.26
CA LYS A 512 39.08 -12.67 -2.47
C LYS A 512 37.64 -12.15 -2.41
N LEU A 513 37.50 -10.88 -2.02
CA LEU A 513 36.19 -10.29 -1.88
C LEU A 513 35.72 -9.66 -3.20
N GLY A 514 34.49 -9.13 -3.17
CA GLY A 514 33.88 -8.63 -4.39
C GLY A 514 34.36 -7.27 -4.84
N GLY A 515 34.80 -6.44 -3.91
CA GLY A 515 35.24 -5.09 -4.25
C GLY A 515 34.87 -4.06 -3.20
N LEU A 516 34.71 -2.81 -3.64
CA LEU A 516 34.44 -1.68 -2.78
C LEU A 516 33.24 -0.90 -3.31
N PHE A 517 32.56 -0.22 -2.40
CA PHE A 517 31.52 0.71 -2.78
C PHE A 517 31.54 1.85 -1.77
N ALA A 518 31.00 2.99 -2.18
CA ALA A 518 31.10 4.20 -1.39
C ALA A 518 29.74 4.90 -1.28
N TRP A 519 29.52 5.54 -0.13
CA TRP A 519 28.44 6.49 0.09
C TRP A 519 29.05 7.77 0.65
N GLU A 520 28.76 8.92 0.05
CA GLU A 520 27.98 9.07 -1.18
C GLU A 520 28.87 9.80 -2.20
N ILE A 521 28.63 9.60 -3.50
CA ILE A 521 29.58 10.00 -4.54
C ILE A 521 29.82 11.53 -4.54
N ASP A 522 28.83 12.30 -4.13
CA ASP A 522 28.96 13.75 -4.20
C ASP A 522 29.84 14.33 -3.09
N ALA A 523 30.11 13.59 -2.01
CA ALA A 523 30.95 14.12 -0.95
C ALA A 523 32.44 13.90 -1.23
N ASP A 524 32.79 13.34 -2.39
CA ASP A 524 34.17 13.04 -2.72
C ASP A 524 34.78 14.16 -3.56
N ASN A 525 36.04 14.47 -3.29
CA ASN A 525 36.81 15.35 -4.15
C ASN A 525 37.62 14.57 -5.18
N GLY A 526 37.49 13.24 -5.20
CA GLY A 526 38.23 12.38 -6.09
C GLY A 526 39.23 11.46 -5.40
N ASP A 527 39.73 11.89 -4.23
CA ASP A 527 40.76 11.14 -3.50
C ASP A 527 40.29 9.74 -3.12
N ILE A 528 39.03 9.63 -2.68
CA ILE A 528 38.55 8.36 -2.14
C ILE A 528 38.31 7.36 -3.25
N LEU A 529 37.63 7.79 -4.33
CA LEU A 529 37.36 6.88 -5.45
C LEU A 529 38.66 6.47 -6.13
N ASN A 530 39.60 7.40 -6.23
CA ASN A 530 40.92 7.07 -6.74
C ASN A 530 41.53 5.94 -5.92
N ALA A 531 41.40 6.01 -4.59
CA ALA A 531 41.99 5.01 -3.70
C ALA A 531 41.28 3.68 -3.82
N MET A 532 39.96 3.71 -4.02
CA MET A 532 39.20 2.48 -4.29
C MET A 532 39.75 1.78 -5.54
N ASN A 533 39.91 2.53 -6.64
CA ASN A 533 40.43 1.92 -7.85
C ASN A 533 41.84 1.39 -7.63
N MET A 534 42.70 2.22 -7.03
CA MET A 534 44.08 1.80 -6.77
C MET A 534 44.11 0.63 -5.80
N GLY A 535 43.33 0.71 -4.73
CA GLY A 535 43.29 -0.36 -3.75
C GLY A 535 42.79 -1.67 -4.29
N LEU A 536 42.00 -1.63 -5.36
CA LEU A 536 41.48 -2.86 -5.95
C LEU A 536 42.32 -3.34 -7.13
N GLY A 537 43.30 -2.55 -7.56
CA GLY A 537 44.20 -2.95 -8.62
C GLY A 537 43.77 -2.55 -10.02
N ASN A 538 43.04 -1.45 -10.16
CA ASN A 538 42.65 -0.98 -11.48
C ASN A 538 43.81 -0.26 -12.16
N SER A 539 43.72 -0.16 -13.48
CA SER A 539 44.79 0.41 -14.28
C SER A 539 44.58 1.91 -14.51
N ALA A 540 45.63 2.69 -14.31
CA ALA A 540 45.55 4.12 -14.58
C ALA A 540 46.09 4.42 -15.99
N TYR B 1 -2.03 22.24 65.09
CA TYR B 1 -1.15 21.07 65.11
C TYR B 1 -1.98 19.76 65.02
N THR B 2 -1.50 18.75 64.35
CA THR B 2 -2.16 17.49 64.30
C THR B 2 -1.08 16.46 64.34
N LYS B 3 -1.43 15.25 64.71
CA LYS B 3 -0.55 14.14 64.78
C LYS B 3 -0.88 13.39 63.52
N PHE B 4 -0.26 13.82 62.44
CA PHE B 4 -0.53 13.32 61.09
C PHE B 4 0.79 13.10 60.38
N ALA B 5 1.21 11.84 60.27
CA ALA B 5 2.48 11.48 59.61
C ALA B 5 2.24 10.35 58.62
N PRO B 6 1.67 10.66 57.45
CA PRO B 6 1.41 9.60 56.46
C PRO B 6 2.71 9.13 55.82
N PRO B 7 2.70 7.98 55.14
CA PRO B 7 3.93 7.48 54.52
C PRO B 7 4.40 8.41 53.41
N GLY B 8 5.65 8.18 52.98
CA GLY B 8 6.19 8.96 51.87
C GLY B 8 5.40 8.72 50.59
N LYS B 9 5.59 9.60 49.63
CA LYS B 9 4.85 9.49 48.37
C LYS B 9 5.46 8.41 47.47
N PRO B 10 4.70 7.40 47.07
CA PRO B 10 5.26 6.35 46.20
C PRO B 10 5.56 6.87 44.80
N SER B 11 6.60 6.30 44.18
CA SER B 11 6.98 6.55 42.80
C SER B 11 6.68 5.32 41.99
N LEU B 12 5.90 5.46 40.92
CA LEU B 12 5.51 4.32 40.13
C LEU B 12 6.58 3.94 39.11
N GLY B 13 6.83 2.64 39.00
CA GLY B 13 7.74 2.09 38.04
C GLY B 13 7.04 1.40 36.87
N TRP B 14 7.89 0.95 35.93
CA TRP B 14 7.57 0.20 34.71
C TRP B 14 7.03 1.12 33.63
N GLY B 15 6.69 0.55 32.48
CA GLY B 15 6.32 1.37 31.36
C GLY B 15 5.37 0.72 30.37
N GLU B 16 4.86 -0.49 30.65
CA GLU B 16 3.76 -0.99 29.85
C GLU B 16 2.55 -0.15 30.18
N ARG B 17 2.05 0.60 29.20
CA ARG B 17 0.93 1.48 29.43
C ARG B 17 -0.31 1.15 28.60
N THR B 18 -0.23 0.19 27.68
CA THR B 18 -1.35 -0.20 26.85
C THR B 18 -1.64 -1.69 27.03
N PHE B 19 -2.89 -2.01 27.35
CA PHE B 19 -3.31 -3.38 27.53
C PHE B 19 -4.56 -3.62 26.70
N ALA B 20 -4.88 -4.88 26.47
CA ALA B 20 -5.98 -5.26 25.59
C ALA B 20 -6.67 -6.49 26.15
N ILE B 21 -7.96 -6.34 26.47
CA ILE B 21 -8.76 -7.48 26.90
C ILE B 21 -8.88 -8.50 25.78
N VAL B 22 -8.93 -8.05 24.53
CA VAL B 22 -8.91 -8.91 23.35
C VAL B 22 -7.61 -8.60 22.62
N GLU B 23 -6.67 -9.55 22.60
CA GLU B 23 -5.37 -9.32 21.98
C GLU B 23 -5.42 -9.57 20.48
N VAL B 24 -4.80 -8.68 19.72
CA VAL B 24 -4.71 -8.78 18.27
C VAL B 24 -3.25 -8.86 17.87
N ASN B 25 -2.90 -9.89 17.10
CA ASN B 25 -1.55 -10.01 16.57
C ASN B 25 -1.45 -9.18 15.29
N GLN B 26 -0.63 -8.13 15.31
CA GLN B 26 -0.54 -7.21 14.17
C GLN B 26 0.24 -7.79 12.99
N ALA B 27 0.90 -8.93 13.17
CA ALA B 27 1.66 -9.55 12.09
C ALA B 27 1.19 -10.97 11.82
N ALA B 28 -0.11 -11.23 12.03
CA ALA B 28 -0.67 -12.56 11.82
C ALA B 28 -1.67 -12.53 10.67
N THR B 29 -1.75 -13.62 9.93
CA THR B 29 -2.72 -13.73 8.84
C THR B 29 -3.78 -14.80 9.08
N ALA B 30 -3.55 -15.77 9.96
CA ALA B 30 -4.56 -16.77 10.26
C ALA B 30 -5.35 -16.36 11.50
N TYR B 31 -6.66 -16.58 11.44
CA TYR B 31 -7.54 -16.01 12.46
C TYR B 31 -7.25 -16.57 13.86
N ASN B 32 -6.97 -17.87 13.95
CA ASN B 32 -6.75 -18.48 15.26
C ASN B 32 -5.53 -17.92 15.95
N GLN B 33 -4.57 -17.40 15.18
CA GLN B 33 -3.39 -16.71 15.69
C GLN B 33 -3.56 -15.20 15.71
N LEU B 34 -4.60 -14.68 15.06
CA LEU B 34 -4.73 -13.24 14.89
C LEU B 34 -5.34 -12.58 16.12
N VAL B 35 -6.32 -13.22 16.75
CA VAL B 35 -7.06 -12.62 17.84
C VAL B 35 -7.13 -13.62 18.98
N THR B 36 -6.99 -13.10 20.21
CA THR B 36 -7.14 -13.88 21.43
C THR B 36 -8.17 -13.14 22.28
N LYS B 37 -9.33 -13.73 22.49
CA LYS B 37 -10.36 -13.15 23.33
C LYS B 37 -10.14 -13.59 24.77
N ARG B 38 -10.23 -12.65 25.70
CA ARG B 38 -10.32 -12.96 27.13
C ARG B 38 -11.42 -12.09 27.73
N ASP B 39 -11.69 -12.29 29.01
CA ASP B 39 -12.69 -11.47 29.68
C ASP B 39 -12.07 -10.56 30.72
N SER B 40 -10.76 -10.36 30.63
CA SER B 40 -10.04 -9.43 31.48
C SER B 40 -8.64 -9.24 30.92
N ALA B 41 -8.06 -8.08 31.20
CA ALA B 41 -6.66 -7.83 30.96
C ALA B 41 -5.90 -7.87 32.28
N ASP B 42 -4.60 -8.12 32.19
CA ASP B 42 -3.75 -8.25 33.36
C ASP B 42 -2.85 -7.02 33.43
N VAL B 43 -3.15 -6.13 34.36
CA VAL B 43 -2.38 -4.90 34.55
C VAL B 43 -1.43 -5.10 35.71
N SER B 44 -0.23 -4.56 35.58
CA SER B 44 0.79 -4.65 36.61
C SER B 44 1.37 -3.26 36.88
N VAL B 45 1.80 -3.06 38.11
CA VAL B 45 2.40 -1.80 38.55
C VAL B 45 3.41 -2.10 39.65
N THR B 46 4.49 -1.34 39.67
CA THR B 46 5.49 -1.41 40.72
C THR B 46 5.69 -0.03 41.34
N TRP B 47 5.96 0.01 42.64
CA TRP B 47 6.16 1.30 43.32
C TRP B 47 7.33 1.22 44.29
N ASN B 48 7.81 2.40 44.66
CA ASN B 48 8.97 2.56 45.52
C ASN B 48 8.76 3.80 46.37
N VAL B 49 9.09 3.70 47.65
CA VAL B 49 9.11 4.85 48.54
C VAL B 49 10.43 4.80 49.32
N TRP B 50 11.28 5.79 49.09
CA TRP B 50 12.60 5.85 49.71
C TRP B 50 12.48 5.96 51.23
N SER B 51 13.10 5.00 51.93
CA SER B 51 12.95 4.86 53.38
C SER B 51 11.48 4.93 53.80
N GLY B 52 10.73 3.86 53.54
CA GLY B 52 9.38 3.73 54.00
C GLY B 52 9.23 2.53 54.93
N ASP B 53 8.04 2.41 55.51
CA ASP B 53 7.75 1.34 56.44
C ASP B 53 7.16 0.16 55.69
N PRO B 54 7.83 -1.00 55.63
CA PRO B 54 7.27 -2.15 54.92
C PRO B 54 6.00 -2.73 55.55
N ALA B 55 5.58 -2.26 56.73
CA ALA B 55 4.32 -2.70 57.30
C ALA B 55 3.12 -1.91 56.80
N ASP B 56 3.33 -0.86 56.02
CA ASP B 56 2.22 -0.08 55.46
C ASP B 56 1.40 -0.93 54.50
N LYS B 57 0.13 -0.56 54.36
CA LYS B 57 -0.77 -1.21 53.42
C LYS B 57 -0.75 -0.48 52.08
N ALA B 58 -1.08 -1.19 51.02
CA ALA B 58 -1.01 -0.65 49.67
C ALA B 58 -2.32 -0.89 48.92
N ARG B 59 -2.67 0.05 48.04
CA ARG B 59 -3.85 -0.07 47.20
C ARG B 59 -3.54 0.47 45.80
N VAL B 60 -4.06 -0.20 44.79
CA VAL B 60 -3.97 0.29 43.41
C VAL B 60 -5.34 0.78 43.01
N LEU B 61 -5.44 2.04 42.58
CA LEU B 61 -6.70 2.64 42.20
C LEU B 61 -6.65 3.04 40.73
N LEU B 62 -7.72 2.70 40.00
CA LEU B 62 -7.90 3.08 38.60
C LEU B 62 -9.08 4.04 38.55
N ASN B 63 -8.81 5.29 38.17
CA ASN B 63 -9.83 6.36 38.18
C ASN B 63 -10.53 6.40 39.53
N ASP B 64 -9.74 6.48 40.60
CA ASP B 64 -10.21 6.68 41.97
C ASP B 64 -11.05 5.50 42.48
N LYS B 65 -10.92 4.32 41.88
CA LYS B 65 -11.64 3.12 42.31
C LYS B 65 -10.63 2.00 42.56
N GLU B 66 -10.88 1.21 43.60
CA GLU B 66 -9.89 0.21 44.03
C GLU B 66 -9.91 -1.01 43.12
N PHE B 67 -8.74 -1.40 42.64
CA PHE B 67 -8.56 -2.62 41.87
C PHE B 67 -7.62 -3.61 42.55
N TRP B 68 -6.89 -3.20 43.59
CA TRP B 68 -5.93 -4.06 44.27
C TRP B 68 -5.69 -3.52 45.67
N SER B 69 -5.39 -4.44 46.58
CA SER B 69 -5.12 -4.11 47.97
C SER B 69 -4.14 -5.12 48.53
N GLY B 70 -3.12 -4.65 49.22
CA GLY B 70 -2.14 -5.53 49.85
C GLY B 70 -1.38 -4.77 50.92
N THR B 71 -0.11 -5.17 51.12
CA THR B 71 0.73 -4.55 52.15
C THR B 71 1.85 -3.82 51.50
N GLY B 72 3.01 -4.46 51.23
CA GLY B 72 4.13 -3.77 50.61
C GLY B 72 4.81 -2.81 51.55
N GLY B 73 4.48 -1.53 51.45
CA GLY B 73 4.99 -0.55 52.40
C GLY B 73 6.15 0.30 51.92
N ALA B 74 7.32 -0.32 51.72
CA ALA B 74 8.50 0.42 51.29
C ALA B 74 8.77 0.22 49.80
N ALA B 75 8.36 -0.90 49.26
CA ALA B 75 8.58 -1.26 47.87
C ALA B 75 7.68 -2.45 47.57
N GLY B 76 6.87 -2.36 46.53
CA GLY B 76 5.98 -3.44 46.21
C GLY B 76 5.64 -3.48 44.74
N SER B 77 4.89 -4.51 44.36
CA SER B 77 4.37 -4.64 43.01
C SER B 77 3.06 -5.43 43.10
N ALA B 78 2.22 -5.23 42.09
CA ALA B 78 0.88 -5.79 42.12
C ALA B 78 0.46 -6.08 40.70
N SER B 79 -0.36 -7.12 40.55
CA SER B 79 -0.98 -7.44 39.29
C SER B 79 -2.45 -7.74 39.56
N PHE B 80 -3.32 -7.29 38.65
CA PHE B 80 -4.76 -7.40 38.85
C PHE B 80 -5.46 -7.46 37.50
N LYS B 81 -6.77 -7.68 37.54
CA LYS B 81 -7.57 -7.92 36.35
C LYS B 81 -8.50 -6.75 36.11
N VAL B 82 -8.54 -6.26 34.88
CA VAL B 82 -9.46 -5.21 34.48
C VAL B 82 -10.41 -5.80 33.44
N LYS B 83 -11.71 -5.68 33.70
CA LYS B 83 -12.72 -6.32 32.86
C LYS B 83 -13.37 -5.38 31.86
N LYS B 84 -13.30 -4.07 32.08
CA LYS B 84 -13.93 -3.11 31.19
C LYS B 84 -12.88 -2.10 30.74
N GLY B 85 -12.90 -1.79 29.45
CA GLY B 85 -11.87 -0.98 28.84
C GLY B 85 -12.02 0.50 29.13
N GLY B 86 -10.98 1.25 28.79
CA GLY B 86 -11.00 2.69 28.96
C GLY B 86 -9.60 3.21 29.19
N ARG B 87 -9.52 4.52 29.37
CA ARG B 87 -8.27 5.16 29.78
C ARG B 87 -8.35 5.37 31.29
N TYR B 88 -7.39 4.82 32.01
CA TYR B 88 -7.42 4.82 33.46
C TYR B 88 -6.24 5.61 34.00
N GLN B 89 -6.49 6.42 35.01
CA GLN B 89 -5.42 7.02 35.81
C GLN B 89 -5.08 6.03 36.91
N MET B 90 -3.86 5.50 36.87
CA MET B 90 -3.42 4.51 37.84
C MET B 90 -2.63 5.20 38.95
N VAL B 91 -3.02 4.94 40.19
CA VAL B 91 -2.42 5.54 41.37
C VAL B 91 -2.16 4.44 42.39
N VAL B 92 -0.97 4.43 42.96
CA VAL B 92 -0.65 3.56 44.09
C VAL B 92 -0.74 4.39 45.36
N GLU B 93 -1.53 3.89 46.32
CA GLU B 93 -1.74 4.54 47.59
C GLU B 93 -1.13 3.70 48.71
N LEU B 94 -0.42 4.37 49.62
CA LEU B 94 0.16 3.74 50.79
C LEU B 94 -0.45 4.35 52.05
N CYS B 95 -0.70 3.51 53.06
CA CYS B 95 -1.34 3.96 54.29
C CYS B 95 -0.62 3.41 55.52
N ASN B 96 -0.58 4.21 56.58
CA ASN B 96 -0.17 3.76 57.90
C ASN B 96 -1.28 4.18 58.86
N ALA B 97 -0.95 4.23 60.16
CA ALA B 97 -1.96 4.50 61.19
C ALA B 97 -2.48 5.93 61.11
N ASP B 98 -1.69 6.86 60.59
CA ASP B 98 -2.06 8.28 60.60
C ASP B 98 -2.92 8.64 59.39
N GLY B 99 -2.49 8.25 58.19
CA GLY B 99 -3.18 8.64 56.98
C GLY B 99 -2.59 7.97 55.74
N CYS B 100 -2.94 8.52 54.57
CA CYS B 100 -2.58 7.92 53.29
C CYS B 100 -1.83 8.88 52.38
N SER B 101 -0.93 8.31 51.58
CA SER B 101 -0.20 9.01 50.53
C SER B 101 -0.57 8.44 49.17
N GLN B 102 -0.56 9.30 48.15
CA GLN B 102 -0.92 8.90 46.79
C GLN B 102 0.22 9.23 45.83
N SER B 103 0.70 8.20 45.14
CA SER B 103 1.55 8.35 43.95
C SER B 103 0.97 9.34 42.96
N ASP B 104 1.86 9.98 42.19
CA ASP B 104 1.46 10.62 40.96
C ASP B 104 0.76 9.60 40.06
N ALA B 105 -0.30 10.05 39.37
CA ALA B 105 -1.03 9.16 38.49
C ALA B 105 -0.27 8.93 37.20
N THR B 106 -0.28 7.69 36.72
CA THR B 106 0.28 7.35 35.42
C THR B 106 -0.84 6.78 34.56
N GLU B 107 -0.91 7.18 33.29
CA GLU B 107 -2.02 6.79 32.44
C GLU B 107 -1.78 5.43 31.80
N ILE B 108 -2.79 4.57 31.86
CA ILE B 108 -2.78 3.29 31.16
C ILE B 108 -4.01 3.23 30.25
N ILE B 109 -3.89 2.45 29.18
CA ILE B 109 -4.99 2.21 28.25
C ILE B 109 -5.32 0.73 28.30
N VAL B 110 -6.56 0.41 28.65
CA VAL B 110 -7.06 -0.96 28.60
C VAL B 110 -8.02 -1.04 27.43
N ALA B 111 -7.60 -1.69 26.36
CA ALA B 111 -8.38 -1.72 25.13
C ALA B 111 -9.39 -2.86 25.15
N ASP B 112 -10.57 -2.58 24.60
CA ASP B 112 -11.60 -3.60 24.41
C ASP B 112 -12.35 -3.26 23.13
N THR B 113 -12.94 -4.27 22.51
CA THR B 113 -13.47 -4.14 21.17
C THR B 113 -14.83 -3.44 21.10
N ASP B 114 -15.28 -2.81 22.19
CA ASP B 114 -16.41 -1.90 22.16
C ASP B 114 -15.97 -0.45 22.02
N GLY B 115 -14.68 -0.21 21.83
CA GLY B 115 -14.18 1.14 21.65
C GLY B 115 -14.10 1.98 22.91
N SER B 116 -14.23 1.39 24.10
CA SER B 116 -14.23 2.16 25.35
C SER B 116 -12.92 2.90 25.59
N HIS B 117 -11.84 2.48 24.96
CA HIS B 117 -10.54 3.14 25.05
C HIS B 117 -10.31 4.19 23.96
N LEU B 118 -11.29 4.42 23.07
CA LEU B 118 -11.07 5.24 21.88
C LEU B 118 -11.97 6.47 21.86
N PRO B 119 -11.54 7.54 21.20
CA PRO B 119 -12.39 8.71 21.03
C PRO B 119 -13.41 8.50 19.94
N PRO B 120 -14.42 9.35 19.82
CA PRO B 120 -15.41 9.19 18.74
C PRO B 120 -14.78 9.36 17.36
N LEU B 121 -15.42 8.75 16.36
CA LEU B 121 -14.97 8.83 14.97
C LEU B 121 -15.10 10.26 14.45
N ASP B 122 -14.00 10.80 13.92
CA ASP B 122 -14.00 12.12 13.29
C ASP B 122 -14.54 12.04 11.85
N TYR B 123 -15.61 12.78 11.55
CA TYR B 123 -16.15 12.80 10.19
C TYR B 123 -16.57 14.20 9.80
N ASN B 124 -16.51 14.48 8.51
CA ASN B 124 -17.20 15.62 7.93
C ASN B 124 -17.97 15.15 6.71
N MET B 125 -19.07 15.83 6.44
CA MET B 125 -19.89 15.52 5.27
C MET B 125 -19.06 15.75 4.02
N GLY B 126 -18.95 14.73 3.18
CA GLY B 126 -18.16 14.85 1.96
C GLY B 126 -19.01 14.72 0.72
N GLU B 127 -18.50 15.17 -0.42
CA GLU B 127 -19.18 15.06 -1.72
C GLU B 127 -20.53 15.76 -1.63
N LYS B 128 -21.63 15.16 -2.10
CA LYS B 128 -22.92 15.84 -2.10
C LYS B 128 -23.74 15.51 -0.86
N ASN B 129 -23.18 14.75 0.08
CA ASN B 129 -23.89 14.37 1.29
C ASN B 129 -24.28 15.62 2.09
N LYS B 130 -25.52 15.66 2.53
CA LYS B 130 -26.06 16.72 3.37
C LYS B 130 -26.56 16.09 4.66
N PRO B 131 -26.42 16.79 5.80
CA PRO B 131 -26.71 16.16 7.09
C PRO B 131 -28.21 16.02 7.32
N PHE B 132 -28.61 14.84 7.79
CA PHE B 132 -29.98 14.53 8.16
C PHE B 132 -30.04 14.07 9.61
N LYS B 133 -31.22 14.18 10.20
CA LYS B 133 -31.49 13.66 11.54
C LYS B 133 -32.46 12.49 11.42
N GLN B 134 -32.15 11.40 12.11
CA GLN B 134 -32.94 10.17 12.04
C GLN B 134 -34.19 10.35 12.89
N THR B 135 -35.19 11.02 12.32
CA THR B 135 -36.44 11.28 13.02
C THR B 135 -37.61 10.49 12.47
N SER B 136 -37.43 9.78 11.37
CA SER B 136 -38.56 9.13 10.71
C SER B 136 -39.01 7.87 11.42
N GLY B 137 -38.14 7.24 12.21
CA GLY B 137 -38.40 5.93 12.75
C GLY B 137 -38.24 4.81 11.75
N LYS B 138 -37.72 5.09 10.56
CA LYS B 138 -37.47 4.09 9.52
C LYS B 138 -36.01 3.67 9.53
N VAL B 139 -35.75 2.47 9.05
CA VAL B 139 -34.39 1.98 8.86
C VAL B 139 -33.78 2.67 7.66
N VAL B 140 -32.61 3.28 7.85
CA VAL B 140 -31.82 3.86 6.77
C VAL B 140 -30.47 3.16 6.83
N GLY B 141 -30.30 2.09 6.05
CA GLY B 141 -29.14 1.25 6.12
C GLY B 141 -28.27 1.37 4.90
N ALA B 142 -27.07 0.81 5.01
CA ALA B 142 -26.11 0.78 3.91
C ALA B 142 -25.06 -0.30 4.18
N TYR B 143 -24.59 -0.92 3.11
CA TYR B 143 -23.52 -1.92 3.21
C TYR B 143 -22.15 -1.27 3.06
N PHE B 144 -21.26 -1.55 4.01
CA PHE B 144 -19.85 -1.18 3.92
C PHE B 144 -19.05 -2.43 3.61
N VAL B 145 -18.33 -2.43 2.49
CA VAL B 145 -17.58 -3.61 2.08
C VAL B 145 -16.15 -3.50 2.60
N GLU B 146 -15.60 -4.64 2.96
CA GLU B 146 -14.31 -4.72 3.63
C GLU B 146 -13.18 -4.30 2.70
N TRP B 147 -13.31 -4.56 1.40
CA TRP B 147 -12.26 -4.30 0.43
C TRP B 147 -12.29 -2.87 -0.12
N GLY B 148 -13.23 -2.03 0.33
CA GLY B 148 -13.31 -0.66 -0.16
C GLY B 148 -12.17 0.23 0.27
N VAL B 149 -11.27 -0.27 1.11
CA VAL B 149 -10.15 0.51 1.59
C VAL B 149 -8.97 0.35 0.65
N TYR B 150 -9.18 -0.33 -0.48
CA TYR B 150 -8.03 -0.46 -1.38
C TYR B 150 -8.23 0.60 -2.48
N PRO B 151 -8.31 0.31 -3.80
CA PRO B 151 -8.38 1.45 -4.75
C PRO B 151 -9.67 2.25 -4.65
N ARG B 152 -10.73 1.70 -4.06
CA ARG B 152 -11.94 2.50 -3.85
C ARG B 152 -11.70 3.65 -2.88
N LYS B 153 -10.72 3.50 -1.97
CA LYS B 153 -10.35 4.52 -1.00
C LYS B 153 -11.57 5.02 -0.22
N PHE B 154 -12.36 4.08 0.31
CA PHE B 154 -13.53 4.41 1.12
C PHE B 154 -13.39 3.80 2.51
N PRO B 155 -12.58 4.40 3.38
CA PRO B 155 -12.53 3.92 4.77
C PRO B 155 -13.78 4.30 5.55
N VAL B 156 -13.90 3.85 6.80
CA VAL B 156 -15.13 4.05 7.55
C VAL B 156 -15.37 5.53 7.84
N ASP B 157 -14.30 6.35 7.91
CA ASP B 157 -14.51 7.77 8.19
C ASP B 157 -15.09 8.53 7.00
N ARG B 158 -15.27 7.86 5.87
CA ARG B 158 -16.00 8.44 4.75
C ARG B 158 -17.49 8.11 4.81
N VAL B 159 -17.92 7.31 5.77
CA VAL B 159 -19.34 6.96 5.86
C VAL B 159 -20.12 8.17 6.38
N PRO B 160 -21.18 8.60 5.68
CA PRO B 160 -22.02 9.69 6.19
C PRO B 160 -22.87 9.20 7.36
N ILE B 161 -22.25 9.07 8.52
CA ILE B 161 -22.90 8.43 9.67
C ILE B 161 -24.12 9.19 10.21
N PRO B 162 -24.28 10.51 10.02
CA PRO B 162 -25.56 11.12 10.43
C PRO B 162 -26.75 10.57 9.66
N ASN B 163 -26.54 10.03 8.46
CA ASN B 163 -27.63 9.70 7.54
C ASN B 163 -28.00 8.22 7.55
N LEU B 164 -27.57 7.46 8.55
CA LEU B 164 -27.80 6.02 8.60
C LEU B 164 -28.37 5.61 9.94
N THR B 165 -29.21 4.56 9.93
CA THR B 165 -29.55 3.86 11.16
C THR B 165 -28.82 2.53 11.30
N HIS B 166 -28.38 1.97 10.18
CA HIS B 166 -27.74 0.66 10.15
C HIS B 166 -26.50 0.71 9.25
N LEU B 167 -25.47 -0.02 9.64
CA LEU B 167 -24.30 -0.22 8.80
C LEU B 167 -24.07 -1.72 8.70
N LEU B 168 -24.06 -2.22 7.48
CA LEU B 168 -23.89 -3.64 7.23
C LEU B 168 -22.48 -3.86 6.71
N TYR B 169 -21.72 -4.72 7.40
CA TYR B 169 -20.31 -4.95 7.10
C TYR B 169 -20.18 -6.21 6.26
N GLY B 170 -19.93 -6.03 4.97
CA GLY B 170 -19.79 -7.16 4.06
C GLY B 170 -18.33 -7.35 3.67
N PHE B 171 -17.84 -8.59 3.80
CA PHE B 171 -18.61 -9.72 4.32
C PHE B 171 -17.80 -10.57 5.32
N ILE B 172 -18.51 -11.27 6.21
CA ILE B 172 -17.89 -12.22 7.13
C ILE B 172 -17.97 -13.62 6.50
N PRO B 173 -16.85 -14.27 6.21
CA PRO B 173 -16.89 -15.58 5.57
C PRO B 173 -17.06 -16.71 6.58
N ILE B 174 -17.37 -17.89 6.05
CA ILE B 174 -17.46 -19.13 6.81
C ILE B 174 -16.32 -20.04 6.37
N CYS B 175 -15.57 -20.56 7.33
CA CYS B 175 -14.40 -21.40 7.03
C CYS B 175 -14.78 -22.65 6.24
N GLY B 176 -13.97 -22.98 5.24
CA GLY B 176 -14.19 -24.16 4.43
C GLY B 176 -13.39 -24.17 3.14
N GLY B 177 -12.89 -25.34 2.75
CA GLY B 177 -12.07 -25.48 1.57
C GLY B 177 -12.79 -26.02 0.34
N ASP B 178 -12.17 -26.99 -0.33
CA ASP B 178 -12.74 -27.60 -1.52
C ASP B 178 -14.14 -28.13 -1.23
N GLY B 179 -15.07 -27.80 -2.11
CA GLY B 179 -16.44 -28.23 -1.98
C GLY B 179 -17.27 -27.34 -1.08
N ILE B 180 -16.63 -26.64 -0.14
CA ILE B 180 -17.35 -25.86 0.85
C ILE B 180 -17.43 -24.40 0.43
N ASN B 181 -16.38 -23.88 -0.22
CA ASN B 181 -16.36 -22.48 -0.65
C ASN B 181 -15.91 -22.38 -2.12
N ASP B 182 -16.39 -23.27 -2.98
CA ASP B 182 -15.97 -23.28 -4.38
C ASP B 182 -16.33 -21.99 -5.11
N SER B 183 -17.43 -21.33 -4.72
CA SER B 183 -17.85 -20.10 -5.37
C SER B 183 -16.77 -19.02 -5.30
N LEU B 184 -15.96 -19.02 -4.24
CA LEU B 184 -14.90 -18.03 -4.08
C LEU B 184 -13.84 -18.13 -5.16
N LYS B 185 -13.76 -19.26 -5.87
CA LYS B 185 -12.72 -19.44 -6.87
C LYS B 185 -12.94 -18.61 -8.12
N GLU B 186 -14.13 -18.02 -8.29
CA GLU B 186 -14.37 -17.17 -9.45
C GLU B 186 -13.67 -15.83 -9.32
N ILE B 187 -13.33 -15.42 -8.10
CA ILE B 187 -12.54 -14.21 -7.83
C ILE B 187 -11.11 -14.67 -7.56
N GLU B 188 -10.16 -14.12 -8.31
CA GLU B 188 -8.78 -14.56 -8.20
C GLU B 188 -8.19 -14.16 -6.84
N GLY B 189 -7.49 -15.11 -6.22
CA GLY B 189 -6.85 -14.90 -4.94
C GLY B 189 -7.76 -14.93 -3.73
N SER B 190 -9.08 -14.80 -3.93
CA SER B 190 -9.99 -14.64 -2.81
C SER B 190 -10.24 -15.96 -2.10
N PHE B 191 -10.30 -17.07 -2.84
CA PHE B 191 -10.41 -18.36 -2.18
C PHE B 191 -9.16 -18.67 -1.36
N GLN B 192 -7.97 -18.41 -1.94
CA GLN B 192 -6.73 -18.64 -1.22
C GLN B 192 -6.59 -17.72 -0.02
N ALA B 193 -7.16 -16.51 -0.10
CA ALA B 193 -7.14 -15.63 1.05
C ALA B 193 -7.93 -16.24 2.21
N LEU B 194 -9.10 -16.84 1.91
CA LEU B 194 -9.88 -17.48 2.96
C LEU B 194 -9.14 -18.67 3.57
N GLN B 195 -8.43 -19.44 2.74
CA GLN B 195 -7.68 -20.58 3.26
C GLN B 195 -6.56 -20.13 4.20
N ARG B 196 -5.92 -18.99 3.89
CA ARG B 196 -4.92 -18.46 4.81
C ARG B 196 -5.59 -18.00 6.10
N SER B 197 -6.72 -17.30 6.01
CA SER B 197 -7.39 -16.83 7.21
C SER B 197 -7.92 -17.98 8.06
N CYS B 198 -8.35 -19.06 7.43
CA CYS B 198 -8.91 -20.19 8.16
C CYS B 198 -7.86 -21.24 8.53
N SER B 199 -6.57 -20.95 8.33
CA SER B 199 -5.55 -21.95 8.58
C SER B 199 -5.57 -22.42 10.03
N GLY B 200 -5.80 -23.72 10.23
CA GLY B 200 -5.92 -24.28 11.56
C GLY B 200 -7.25 -24.04 12.23
N ARG B 201 -8.23 -23.53 11.51
CA ARG B 201 -9.56 -23.26 12.03
C ARG B 201 -10.52 -24.32 11.54
N GLU B 202 -11.43 -24.74 12.40
CA GLU B 202 -12.44 -25.73 12.03
C GLU B 202 -13.36 -25.17 10.95
N ASP B 203 -13.75 -26.04 10.02
CA ASP B 203 -14.70 -25.62 9.00
C ASP B 203 -16.03 -25.25 9.64
N PHE B 204 -16.76 -24.38 8.95
CA PHE B 204 -18.10 -23.92 9.34
C PHE B 204 -18.10 -23.04 10.58
N LYS B 205 -16.95 -22.48 10.94
CA LYS B 205 -16.87 -21.38 11.89
C LYS B 205 -16.63 -20.07 11.13
N VAL B 206 -17.18 -18.98 11.66
CA VAL B 206 -16.93 -17.69 11.05
C VAL B 206 -15.47 -17.32 11.22
N SER B 207 -15.03 -16.38 10.40
CA SER B 207 -13.67 -15.89 10.45
C SER B 207 -13.67 -14.49 9.85
N ILE B 208 -12.49 -14.02 9.45
CA ILE B 208 -12.32 -12.73 8.79
C ILE B 208 -11.59 -12.98 7.48
N HIS B 209 -12.16 -12.47 6.38
CA HIS B 209 -11.62 -12.74 5.05
C HIS B 209 -10.27 -12.03 4.85
N ASP B 210 -10.18 -10.75 5.23
CA ASP B 210 -8.95 -9.98 5.10
C ASP B 210 -8.58 -9.39 6.46
N PRO B 211 -7.78 -10.10 7.26
CA PRO B 211 -7.38 -9.54 8.57
C PRO B 211 -6.60 -8.25 8.47
N TRP B 212 -5.88 -8.03 7.37
CA TRP B 212 -5.16 -6.76 7.20
C TRP B 212 -6.13 -5.60 7.10
N ALA B 213 -7.12 -5.70 6.21
CA ALA B 213 -8.08 -4.61 6.07
C ALA B 213 -8.91 -4.45 7.33
N ALA B 214 -9.24 -5.56 7.98
CA ALA B 214 -10.19 -5.49 9.07
C ALA B 214 -9.56 -4.91 10.34
N LEU B 215 -8.30 -5.23 10.61
CA LEU B 215 -7.72 -4.93 11.92
C LEU B 215 -6.32 -4.33 11.91
N GLN B 216 -5.56 -4.45 10.83
CA GLN B 216 -4.17 -4.05 10.85
C GLN B 216 -3.82 -2.87 9.95
N LYS B 217 -4.63 -2.56 8.96
CA LYS B 217 -4.28 -1.47 8.06
C LYS B 217 -4.41 -0.14 8.80
N PRO B 218 -3.39 0.73 8.75
CA PRO B 218 -3.49 2.03 9.39
C PRO B 218 -4.59 2.87 8.77
N GLN B 219 -5.43 3.44 9.63
CA GLN B 219 -6.53 4.29 9.21
C GLN B 219 -6.46 5.59 10.01
N LYS B 220 -7.34 6.51 9.68
CA LYS B 220 -7.39 7.80 10.35
C LYS B 220 -7.61 7.60 11.85
N GLY B 221 -6.70 8.15 12.65
CA GLY B 221 -6.78 8.07 14.10
C GLY B 221 -6.25 6.78 14.70
N LEU B 222 -5.97 5.75 13.88
CA LEU B 222 -5.53 4.44 14.35
C LEU B 222 -4.27 4.03 13.60
N SER B 223 -3.23 4.85 13.68
CA SER B 223 -1.98 4.60 12.95
C SER B 223 -0.80 4.32 13.86
N SER B 224 -0.94 4.51 15.18
CA SER B 224 0.19 4.28 16.06
C SER B 224 0.57 2.81 16.03
N TRP B 225 1.85 2.54 16.28
CA TRP B 225 2.33 1.17 16.22
C TRP B 225 1.63 0.29 17.25
N ASN B 226 1.31 0.84 18.42
CA ASN B 226 0.73 0.06 19.52
C ASN B 226 -0.78 0.25 19.66
N GLU B 227 -1.48 0.53 18.55
CA GLU B 227 -2.93 0.51 18.57
C GLU B 227 -3.40 -0.93 18.49
N PRO B 228 -4.11 -1.44 19.51
CA PRO B 228 -4.56 -2.84 19.44
C PRO B 228 -5.45 -3.13 18.25
N TYR B 229 -6.38 -2.24 17.92
CA TYR B 229 -7.34 -2.46 16.84
C TYR B 229 -7.27 -1.31 15.86
N LYS B 230 -6.77 -1.56 14.66
CA LYS B 230 -6.79 -0.63 13.53
C LYS B 230 -7.82 -1.13 12.51
N GLY B 231 -7.63 -0.77 11.23
CA GLY B 231 -8.42 -1.23 10.11
C GLY B 231 -9.89 -0.84 10.21
N ASN B 232 -10.74 -1.63 9.55
CA ASN B 232 -12.17 -1.36 9.56
C ASN B 232 -12.75 -1.56 10.96
N PHE B 233 -12.31 -2.62 11.67
CA PHE B 233 -12.88 -2.95 12.97
C PHE B 233 -12.59 -1.86 14.01
N GLY B 234 -11.36 -1.35 14.04
CA GLY B 234 -11.06 -0.25 14.94
C GLY B 234 -11.84 1.03 14.62
N GLN B 235 -12.00 1.34 13.33
CA GLN B 235 -12.76 2.54 12.96
C GLN B 235 -14.25 2.39 13.25
N LEU B 236 -14.76 1.15 13.12
CA LEU B 236 -16.14 0.90 13.49
C LEU B 236 -16.33 1.04 14.99
N MET B 237 -15.30 0.73 15.78
CA MET B 237 -15.37 0.98 17.23
C MET B 237 -15.51 2.47 17.50
N MET B 238 -14.73 3.30 16.81
CA MET B 238 -14.84 4.74 17.03
C MET B 238 -16.21 5.25 16.57
N LEU B 239 -16.77 4.66 15.51
CA LEU B 239 -18.14 4.97 15.10
C LEU B 239 -19.14 4.65 16.21
N LYS B 240 -18.93 3.55 16.93
CA LYS B 240 -19.82 3.24 18.05
C LYS B 240 -19.73 4.29 19.14
N GLN B 241 -18.55 4.90 19.32
CA GLN B 241 -18.42 5.94 20.32
C GLN B 241 -19.03 7.27 19.85
N ALA B 242 -19.16 7.49 18.55
CA ALA B 242 -19.80 8.70 18.06
C ALA B 242 -21.30 8.54 17.95
N LYS B 243 -21.77 7.37 17.50
CA LYS B 243 -23.20 7.08 17.32
C LYS B 243 -23.52 5.75 17.99
N PRO B 244 -23.73 5.76 19.31
CA PRO B 244 -24.01 4.50 20.01
C PRO B 244 -25.32 3.84 19.58
N ASP B 245 -26.24 4.60 18.98
CA ASP B 245 -27.50 4.04 18.52
C ASP B 245 -27.44 3.51 17.09
N LEU B 246 -26.38 3.80 16.34
CA LEU B 246 -26.26 3.30 14.97
C LEU B 246 -25.94 1.82 14.99
N LYS B 247 -26.78 1.00 14.36
CA LYS B 247 -26.55 -0.45 14.36
C LYS B 247 -25.38 -0.83 13.45
N ILE B 248 -24.40 -1.54 14.00
CA ILE B 248 -23.31 -2.11 13.23
C ILE B 248 -23.50 -3.63 13.21
N LEU B 249 -23.78 -4.18 12.03
CA LEU B 249 -24.06 -5.58 11.93
C LEU B 249 -23.04 -6.26 11.02
N PRO B 250 -22.52 -7.42 11.42
CA PRO B 250 -21.72 -8.22 10.49
C PRO B 250 -22.65 -9.04 9.59
N SER B 251 -22.31 -9.10 8.31
CA SER B 251 -23.08 -9.85 7.33
C SER B 251 -22.28 -11.07 6.90
N ILE B 252 -22.84 -12.25 7.13
CA ILE B 252 -22.18 -13.51 6.86
C ILE B 252 -22.72 -14.02 5.54
N GLY B 253 -21.83 -14.28 4.59
CA GLY B 253 -22.26 -14.76 3.29
C GLY B 253 -22.09 -13.76 2.18
N GLY B 254 -23.18 -13.50 1.45
CA GLY B 254 -23.16 -12.79 0.18
C GLY B 254 -23.08 -13.76 -0.97
N TRP B 255 -22.81 -13.21 -2.16
CA TRP B 255 -22.86 -14.02 -3.39
C TRP B 255 -21.85 -15.15 -3.39
N THR B 256 -20.58 -14.85 -3.12
CA THR B 256 -19.55 -15.87 -3.23
C THR B 256 -19.20 -16.51 -1.90
N LEU B 257 -19.89 -16.16 -0.81
CA LEU B 257 -19.58 -16.72 0.50
C LEU B 257 -20.77 -17.43 1.12
N ALA B 258 -21.77 -17.77 0.29
CA ALA B 258 -22.99 -18.40 0.81
C ALA B 258 -22.96 -19.92 0.72
N ASP B 259 -22.00 -20.50 -0.01
CA ASP B 259 -21.96 -21.94 -0.19
C ASP B 259 -22.03 -22.73 1.13
N PRO B 260 -21.30 -22.37 2.20
CA PRO B 260 -21.40 -23.19 3.42
C PRO B 260 -22.80 -23.26 4.02
N PHE B 261 -23.68 -22.28 3.76
CA PHE B 261 -25.02 -22.36 4.33
C PHE B 261 -25.77 -23.61 3.84
N PHE B 262 -25.42 -24.13 2.66
CA PHE B 262 -26.12 -25.29 2.12
C PHE B 262 -25.79 -26.58 2.86
N PHE B 263 -24.74 -26.60 3.67
CA PHE B 263 -24.38 -27.79 4.44
C PHE B 263 -25.03 -27.81 5.81
N PHE B 264 -25.84 -26.81 6.13
CA PHE B 264 -26.48 -26.74 7.44
C PHE B 264 -27.69 -27.65 7.54
N THR B 265 -27.93 -28.52 6.55
CA THR B 265 -28.79 -29.67 6.78
C THR B 265 -28.21 -30.56 7.89
N ASP B 266 -26.87 -30.62 8.01
CA ASP B 266 -26.19 -31.28 9.13
C ASP B 266 -26.28 -30.40 10.37
N GLU B 267 -27.00 -30.89 11.39
CA GLU B 267 -27.19 -30.09 12.61
C GLU B 267 -25.88 -29.86 13.37
N THR B 268 -24.92 -30.78 13.27
CA THR B 268 -23.63 -30.58 13.92
C THR B 268 -22.89 -29.39 13.33
N LYS B 269 -22.91 -29.27 12.01
CA LYS B 269 -22.28 -28.13 11.34
C LYS B 269 -23.00 -26.82 11.69
N ARG B 270 -24.33 -26.86 11.72
CA ARG B 270 -25.09 -25.66 12.08
C ARG B 270 -24.82 -25.24 13.53
N ARG B 271 -24.67 -26.22 14.44
CA ARG B 271 -24.35 -25.90 15.83
C ARG B 271 -22.98 -25.26 15.93
N ARG B 272 -22.00 -25.78 15.17
CA ARG B 272 -20.67 -25.20 15.18
C ARG B 272 -20.70 -23.76 14.71
N PHE B 273 -21.44 -23.50 13.63
CA PHE B 273 -21.56 -22.15 13.08
C PHE B 273 -22.16 -21.19 14.11
N VAL B 274 -23.26 -21.60 14.75
CA VAL B 274 -23.93 -20.74 15.73
C VAL B 274 -23.01 -20.48 16.91
N ALA B 275 -22.24 -21.49 17.32
CA ALA B 275 -21.33 -21.29 18.46
C ALA B 275 -20.22 -20.30 18.13
N SER B 276 -19.76 -20.29 16.88
CA SER B 276 -18.71 -19.36 16.49
C SER B 276 -19.22 -17.93 16.38
N VAL B 277 -20.49 -17.76 16.06
CA VAL B 277 -21.07 -16.43 15.99
C VAL B 277 -21.19 -15.83 17.37
N LYS B 278 -21.57 -16.65 18.36
CA LYS B 278 -21.59 -16.15 19.73
C LYS B 278 -20.18 -15.73 20.16
N ASP B 279 -19.19 -16.57 19.88
CA ASP B 279 -17.81 -16.22 20.17
C ASP B 279 -17.39 -14.99 19.36
N PHE B 280 -17.89 -14.86 18.12
CA PHE B 280 -17.53 -13.72 17.28
C PHE B 280 -17.99 -12.40 17.89
N LEU B 281 -19.24 -12.35 18.34
CA LEU B 281 -19.77 -11.12 18.91
C LEU B 281 -19.20 -10.85 20.31
N GLN B 282 -18.78 -11.89 21.04
CA GLN B 282 -18.10 -11.63 22.30
C GLN B 282 -16.70 -11.08 22.07
N THR B 283 -16.06 -11.48 20.97
CA THR B 283 -14.73 -10.99 20.61
C THR B 283 -14.78 -9.58 20.02
N TRP B 284 -15.72 -9.33 19.11
CA TRP B 284 -15.86 -8.02 18.46
C TRP B 284 -17.16 -7.40 18.98
N LYS B 285 -17.06 -6.66 20.07
CA LYS B 285 -18.23 -6.20 20.81
C LYS B 285 -18.96 -5.04 20.16
N PHE B 286 -18.29 -4.29 19.25
CA PHE B 286 -18.98 -3.19 18.57
C PHE B 286 -20.11 -3.70 17.65
N PHE B 287 -20.15 -4.99 17.35
CA PHE B 287 -21.26 -5.51 16.58
C PHE B 287 -22.53 -5.59 17.43
N ASP B 288 -23.66 -5.33 16.77
CA ASP B 288 -24.95 -5.25 17.43
C ASP B 288 -25.88 -6.39 17.05
N GLY B 289 -25.33 -7.49 16.59
CA GLY B 289 -26.12 -8.65 16.23
C GLY B 289 -25.49 -9.37 15.04
N VAL B 290 -26.37 -9.94 14.21
CA VAL B 290 -25.95 -10.74 13.06
C VAL B 290 -26.87 -10.41 11.90
N ASP B 291 -26.28 -10.36 10.69
CA ASP B 291 -27.00 -10.29 9.44
C ASP B 291 -26.61 -11.49 8.60
N ILE B 292 -27.59 -12.28 8.23
CA ILE B 292 -27.39 -13.53 7.50
C ILE B 292 -27.73 -13.28 6.04
N ASP B 293 -26.72 -13.40 5.17
CA ASP B 293 -26.89 -13.19 3.72
C ASP B 293 -26.67 -14.53 3.03
N TRP B 294 -27.69 -15.37 3.10
CA TRP B 294 -27.67 -16.67 2.45
C TRP B 294 -28.33 -16.52 1.09
N GLU B 295 -27.55 -16.66 0.03
CA GLU B 295 -28.04 -16.46 -1.33
C GLU B 295 -27.80 -17.70 -2.16
N PHE B 296 -28.82 -18.55 -2.29
CA PHE B 296 -30.10 -18.36 -1.63
C PHE B 296 -30.53 -19.72 -1.15
N PRO B 297 -31.45 -19.77 -0.18
CA PRO B 297 -32.06 -21.05 0.18
C PRO B 297 -32.78 -21.65 -1.04
N GLY B 298 -32.43 -22.90 -1.35
CA GLY B 298 -32.97 -23.58 -2.51
C GLY B 298 -32.07 -23.56 -3.74
N GLY B 299 -31.05 -22.71 -3.76
CA GLY B 299 -30.12 -22.64 -4.87
C GLY B 299 -30.25 -21.37 -5.68
N LYS B 300 -29.85 -21.41 -6.95
CA LYS B 300 -29.89 -20.29 -7.87
C LYS B 300 -28.98 -19.13 -7.42
N GLY B 301 -27.97 -19.41 -6.62
CA GLY B 301 -26.93 -18.46 -6.31
C GLY B 301 -25.72 -18.67 -7.19
N ALA B 302 -24.53 -18.43 -6.63
CA ALA B 302 -23.31 -18.55 -7.42
C ALA B 302 -23.01 -20.01 -7.78
N ASN B 303 -23.22 -20.94 -6.86
CA ASN B 303 -22.91 -22.33 -7.11
C ASN B 303 -24.12 -23.03 -7.70
N PRO B 304 -24.04 -23.54 -8.93
CA PRO B 304 -25.19 -24.22 -9.54
C PRO B 304 -25.41 -25.64 -9.04
N ASN B 305 -24.53 -26.16 -8.20
CA ASN B 305 -24.64 -27.52 -7.67
C ASN B 305 -25.14 -27.55 -6.22
N LEU B 306 -25.52 -26.39 -5.68
CA LEU B 306 -26.04 -26.31 -4.33
C LEU B 306 -27.50 -25.85 -4.37
N GLY B 307 -28.28 -26.33 -3.41
CA GLY B 307 -29.70 -26.01 -3.36
C GLY B 307 -30.54 -27.24 -3.13
N SER B 308 -31.58 -27.10 -2.32
CA SER B 308 -32.52 -28.18 -2.05
C SER B 308 -33.78 -27.55 -1.44
N PRO B 309 -34.95 -28.16 -1.65
CA PRO B 309 -36.17 -27.63 -1.01
C PRO B 309 -36.12 -27.61 0.51
N LYS B 310 -35.26 -28.42 1.13
CA LYS B 310 -35.14 -28.40 2.58
C LYS B 310 -34.44 -27.15 3.11
N ASP B 311 -33.85 -26.34 2.23
CA ASP B 311 -33.20 -25.11 2.68
C ASP B 311 -34.19 -24.18 3.38
N GLY B 312 -35.47 -24.29 3.03
CA GLY B 312 -36.46 -23.41 3.64
C GLY B 312 -36.61 -23.64 5.12
N GLU B 313 -36.59 -24.90 5.55
CA GLU B 313 -36.71 -25.19 6.97
C GLU B 313 -35.39 -24.94 7.71
N ILE B 314 -34.27 -25.28 7.08
CA ILE B 314 -32.96 -25.00 7.66
C ILE B 314 -32.81 -23.51 7.93
N TYR B 315 -33.32 -22.68 7.03
CA TYR B 315 -33.28 -21.23 7.23
C TYR B 315 -34.06 -20.82 8.48
N VAL B 316 -35.26 -21.37 8.66
CA VAL B 316 -36.07 -21.02 9.83
C VAL B 316 -35.44 -21.57 11.11
N LEU B 317 -34.83 -22.75 11.02
CA LEU B 317 -34.15 -23.30 12.18
C LEU B 317 -32.92 -22.45 12.51
N LEU B 318 -32.17 -22.05 11.49
CA LEU B 318 -31.01 -21.20 11.72
C LEU B 318 -31.41 -19.92 12.42
N MET B 319 -32.51 -19.30 11.97
CA MET B 319 -32.97 -18.07 12.59
C MET B 319 -33.43 -18.31 14.02
N LYS B 320 -34.08 -19.46 14.26
CA LYS B 320 -34.49 -19.79 15.62
C LYS B 320 -33.29 -19.97 16.53
N GLU B 321 -32.27 -20.67 16.06
CA GLU B 321 -31.09 -20.91 16.89
C GLU B 321 -30.23 -19.65 17.08
N LEU B 322 -30.15 -18.78 16.05
CA LEU B 322 -29.38 -17.56 16.20
C LEU B 322 -29.99 -16.63 17.25
N ARG B 323 -31.31 -16.50 17.23
CA ARG B 323 -31.97 -15.66 18.23
C ARG B 323 -31.82 -16.25 19.62
N GLU B 324 -31.96 -17.57 19.74
CA GLU B 324 -31.75 -18.21 21.04
C GLU B 324 -30.33 -17.96 21.54
N MET B 325 -29.36 -17.98 20.62
CA MET B 325 -27.98 -17.64 20.98
C MET B 325 -27.88 -16.19 21.42
N LEU B 326 -28.48 -15.29 20.65
CA LEU B 326 -28.45 -13.88 21.02
C LEU B 326 -29.20 -13.63 22.32
N ASN B 327 -30.20 -14.45 22.63
CA ASN B 327 -30.95 -14.30 23.87
C ASN B 327 -30.07 -14.61 25.07
N GLU B 328 -29.31 -15.68 24.99
CA GLU B 328 -28.42 -16.01 26.09
C GLU B 328 -27.22 -15.08 26.12
N LEU B 329 -26.86 -14.54 24.95
CA LEU B 329 -25.85 -13.50 24.89
C LEU B 329 -26.35 -12.20 25.51
N SER B 330 -27.63 -11.87 25.34
CA SER B 330 -28.21 -10.75 26.08
C SER B 330 -28.15 -10.99 27.58
N ALA B 331 -28.41 -12.23 28.00
CA ALA B 331 -28.44 -12.55 29.43
C ALA B 331 -27.08 -12.28 30.07
N GLU B 332 -26.00 -12.44 29.32
CA GLU B 332 -24.66 -12.20 29.89
C GLU B 332 -24.30 -10.73 29.89
N THR B 333 -24.66 -10.01 28.83
CA THR B 333 -24.19 -8.64 28.62
C THR B 333 -25.25 -7.59 28.90
N GLY B 334 -26.52 -7.96 28.97
CA GLY B 334 -27.59 -7.01 29.16
C GLY B 334 -27.93 -6.17 27.96
N ARG B 335 -27.31 -6.41 26.80
CA ARG B 335 -27.55 -5.63 25.61
C ARG B 335 -28.66 -6.25 24.78
N LYS B 336 -29.26 -5.43 23.91
CA LYS B 336 -30.27 -5.90 22.97
C LYS B 336 -29.59 -6.10 21.61
N TYR B 337 -29.87 -7.24 20.97
CA TYR B 337 -29.23 -7.62 19.72
C TYR B 337 -30.26 -7.80 18.60
N GLU B 338 -29.85 -7.47 17.38
CA GLU B 338 -30.73 -7.56 16.22
C GLU B 338 -30.32 -8.72 15.34
N LEU B 339 -31.33 -9.45 14.86
CA LEU B 339 -31.17 -10.51 13.88
C LEU B 339 -31.84 -10.05 12.59
N THR B 340 -31.07 -10.03 11.51
CA THR B 340 -31.52 -9.55 10.22
C THR B 340 -31.06 -10.51 9.14
N SER B 341 -31.58 -10.29 7.93
CA SER B 341 -31.12 -11.11 6.81
C SER B 341 -31.50 -10.45 5.50
N ALA B 342 -30.63 -10.59 4.52
CA ALA B 342 -30.89 -10.09 3.17
C ALA B 342 -31.43 -11.25 2.33
N ILE B 343 -32.58 -11.06 1.72
CA ILE B 343 -33.26 -12.12 0.98
C ILE B 343 -33.50 -11.68 -0.46
N SER B 344 -33.55 -12.68 -1.34
CA SER B 344 -33.90 -12.44 -2.73
C SER B 344 -35.25 -11.74 -2.82
N ALA B 345 -35.37 -10.83 -3.78
CA ALA B 345 -36.65 -10.18 -4.03
C ALA B 345 -37.47 -10.89 -5.10
N GLY B 346 -36.97 -12.00 -5.63
CA GLY B 346 -37.68 -12.75 -6.63
C GLY B 346 -38.60 -13.78 -6.01
N TRP B 347 -39.83 -13.84 -6.55
CA TRP B 347 -40.86 -14.73 -6.02
C TRP B 347 -40.42 -16.19 -6.04
N ASP B 348 -39.68 -16.59 -7.08
CA ASP B 348 -39.22 -17.98 -7.19
C ASP B 348 -38.19 -18.34 -6.15
N LYS B 349 -37.71 -17.39 -5.36
CA LYS B 349 -36.88 -17.70 -4.21
C LYS B 349 -37.57 -17.40 -2.90
N ILE B 350 -38.41 -16.37 -2.88
CA ILE B 350 -39.22 -16.09 -1.71
C ILE B 350 -40.06 -17.31 -1.35
N GLN B 351 -40.64 -17.96 -2.36
CA GLN B 351 -41.56 -19.08 -2.13
C GLN B 351 -40.89 -20.25 -1.44
N VAL B 352 -39.56 -20.34 -1.52
CA VAL B 352 -38.83 -21.47 -0.91
C VAL B 352 -38.92 -21.42 0.61
N VAL B 353 -38.94 -20.23 1.18
CA VAL B 353 -38.84 -20.04 2.62
C VAL B 353 -40.18 -19.56 3.16
N ASP B 354 -40.57 -20.10 4.33
CA ASP B 354 -41.72 -19.58 5.08
C ASP B 354 -41.22 -18.49 6.02
N TYR B 355 -41.13 -17.28 5.48
CA TYR B 355 -40.59 -16.15 6.24
C TYR B 355 -41.48 -15.80 7.40
N SER B 356 -42.79 -16.09 7.30
CA SER B 356 -43.66 -15.72 8.39
C SER B 356 -43.40 -16.57 9.62
N ALA B 357 -42.84 -17.77 9.44
CA ALA B 357 -42.42 -18.57 10.58
C ALA B 357 -41.08 -18.10 11.12
N ALA B 358 -40.26 -17.51 10.26
CA ALA B 358 -38.93 -17.04 10.64
C ALA B 358 -38.92 -15.64 11.21
N GLN B 359 -39.92 -14.81 10.85
CA GLN B 359 -39.92 -13.39 11.22
C GLN B 359 -40.11 -13.16 12.72
N LYS B 360 -40.53 -14.15 13.49
CA LYS B 360 -40.67 -13.92 14.92
C LYS B 360 -39.32 -13.82 15.60
N TYR B 361 -38.25 -14.27 14.95
CA TYR B 361 -36.89 -14.18 15.48
C TYR B 361 -36.10 -13.00 14.94
N MET B 362 -36.58 -12.32 13.92
CA MET B 362 -35.79 -11.37 13.16
C MET B 362 -36.33 -9.97 13.41
N ASP B 363 -35.43 -8.99 13.32
CA ASP B 363 -35.80 -7.59 13.45
C ASP B 363 -36.10 -6.93 12.10
N HIS B 364 -35.38 -7.32 11.04
CA HIS B 364 -35.49 -6.70 9.73
C HIS B 364 -35.21 -7.73 8.64
N ILE B 365 -35.83 -7.52 7.48
CA ILE B 365 -35.59 -8.26 6.26
C ILE B 365 -35.14 -7.23 5.24
N PHE B 366 -33.88 -7.33 4.83
CA PHE B 366 -33.32 -6.41 3.84
C PHE B 366 -33.67 -6.95 2.45
N PHE B 367 -34.75 -6.44 1.88
CA PHE B 367 -35.29 -6.94 0.60
C PHE B 367 -34.37 -6.54 -0.55
N MET B 368 -33.68 -7.53 -1.14
CA MET B 368 -32.73 -7.29 -2.22
C MET B 368 -33.45 -6.98 -3.54
N SER B 369 -34.14 -5.83 -3.56
CA SER B 369 -34.85 -5.36 -4.74
C SER B 369 -33.89 -4.63 -5.68
N TYR B 370 -32.89 -5.38 -6.14
CA TYR B 370 -31.98 -4.93 -7.18
C TYR B 370 -31.39 -6.17 -7.82
N ASP B 371 -30.54 -5.97 -8.82
CA ASP B 371 -29.98 -7.07 -9.61
C ASP B 371 -31.08 -7.94 -10.25
N PHE B 372 -32.20 -7.31 -10.60
CA PHE B 372 -33.26 -8.01 -11.33
C PHE B 372 -32.85 -8.32 -12.77
N LYS B 373 -31.96 -7.51 -13.34
CA LYS B 373 -31.44 -7.73 -14.68
C LYS B 373 -29.98 -7.31 -14.70
N GLY B 374 -29.23 -7.87 -15.64
CA GLY B 374 -27.82 -7.52 -15.75
C GLY B 374 -27.17 -8.28 -16.89
N ALA B 375 -25.87 -7.96 -17.10
CA ALA B 375 -25.06 -8.46 -18.22
C ALA B 375 -24.76 -9.97 -18.14
N TRP B 376 -25.31 -10.72 -17.19
CA TRP B 376 -25.19 -12.18 -17.25
C TRP B 376 -26.07 -12.77 -18.33
N SER B 377 -26.81 -11.93 -19.06
CA SER B 377 -27.65 -12.34 -20.18
C SER B 377 -27.59 -11.26 -21.25
N ASN B 378 -27.47 -11.69 -22.51
CA ASN B 378 -27.45 -10.75 -23.62
C ASN B 378 -28.83 -10.39 -24.12
N ASP B 379 -29.82 -11.25 -23.91
CA ASP B 379 -31.11 -11.10 -24.55
C ASP B 379 -32.19 -10.55 -23.63
N THR B 380 -31.95 -10.55 -22.32
CA THR B 380 -32.96 -10.16 -21.34
C THR B 380 -32.56 -8.79 -20.80
N LEU B 381 -33.05 -7.74 -21.44
CA LEU B 381 -32.80 -6.38 -21.01
C LEU B 381 -34.00 -5.84 -20.27
N GLY B 382 -33.73 -5.08 -19.21
CA GLY B 382 -34.78 -4.54 -18.38
C GLY B 382 -34.20 -3.73 -17.25
N HIS B 383 -35.08 -3.30 -16.36
CA HIS B 383 -34.72 -2.47 -15.23
C HIS B 383 -34.14 -3.34 -14.12
N GLN B 384 -32.99 -2.91 -13.59
CA GLN B 384 -32.29 -3.66 -12.55
C GLN B 384 -33.03 -3.63 -11.21
N ALA B 385 -33.76 -2.55 -10.94
CA ALA B 385 -34.32 -2.38 -9.60
C ALA B 385 -35.51 -1.44 -9.59
N SER B 386 -36.33 -1.46 -10.63
CA SER B 386 -37.42 -0.52 -10.73
C SER B 386 -38.49 -0.83 -9.68
N LEU B 387 -39.35 0.16 -9.42
CA LEU B 387 -40.48 -0.05 -8.52
C LEU B 387 -41.53 -0.94 -9.17
N TYR B 388 -41.98 -0.59 -10.36
CA TYR B 388 -43.05 -1.32 -11.01
C TYR B 388 -42.56 -1.91 -12.32
N ALA B 389 -43.45 -2.59 -13.01
CA ALA B 389 -43.16 -3.11 -14.32
C ALA B 389 -43.26 -2.00 -15.36
N PRO B 390 -42.41 -2.03 -16.39
CA PRO B 390 -42.49 -1.02 -17.46
C PRO B 390 -43.70 -1.27 -18.37
N ASP B 391 -43.96 -0.28 -19.24
CA ASP B 391 -45.12 -0.33 -20.13
C ASP B 391 -45.04 -1.52 -21.07
N TRP B 392 -43.90 -1.71 -21.72
CA TRP B 392 -43.69 -2.72 -22.75
C TRP B 392 -43.58 -4.12 -22.19
N ASN B 393 -43.68 -4.29 -20.87
CA ASN B 393 -43.63 -5.61 -20.26
C ASN B 393 -44.30 -5.55 -18.89
N GLU B 394 -45.61 -5.30 -18.88
CA GLU B 394 -46.32 -5.06 -17.63
C GLU B 394 -46.43 -6.29 -16.75
N LYS B 395 -46.12 -7.47 -17.28
CA LYS B 395 -46.22 -8.72 -16.53
C LYS B 395 -44.90 -9.11 -15.89
N GLU B 396 -43.92 -8.20 -15.84
CA GLU B 396 -42.63 -8.47 -15.22
C GLU B 396 -42.78 -8.70 -13.72
N THR B 397 -42.28 -9.83 -13.24
CA THR B 397 -42.40 -10.14 -11.82
C THR B 397 -41.14 -9.78 -11.01
N TYR B 398 -40.03 -9.50 -11.67
CA TYR B 398 -38.83 -9.02 -10.98
C TYR B 398 -38.89 -7.49 -10.90
N THR B 399 -39.79 -7.02 -10.04
CA THR B 399 -39.90 -5.61 -9.68
C THR B 399 -39.91 -5.48 -8.16
N THR B 400 -39.64 -4.27 -7.65
CA THR B 400 -39.71 -4.05 -6.21
C THR B 400 -41.13 -4.28 -5.69
N ASP B 401 -42.14 -3.81 -6.42
CA ASP B 401 -43.53 -3.94 -5.98
C ASP B 401 -43.98 -5.41 -5.98
N PHE B 402 -43.67 -6.15 -7.06
CA PHE B 402 -44.15 -7.53 -7.12
C PHE B 402 -43.55 -8.37 -5.99
N GLY B 403 -42.27 -8.15 -5.67
CA GLY B 403 -41.65 -8.89 -4.58
C GLY B 403 -42.16 -8.50 -3.21
N VAL B 404 -42.36 -7.19 -2.97
CA VAL B 404 -42.89 -6.75 -1.69
C VAL B 404 -44.27 -7.37 -1.46
N GLN B 405 -45.14 -7.29 -2.48
CA GLN B 405 -46.49 -7.83 -2.38
C GLN B 405 -46.50 -9.34 -2.24
N PHE B 406 -45.52 -10.02 -2.86
CA PHE B 406 -45.43 -11.47 -2.72
C PHE B 406 -45.07 -11.88 -1.30
N LEU B 407 -44.09 -11.19 -0.70
CA LEU B 407 -43.66 -11.47 0.67
C LEU B 407 -44.73 -11.07 1.67
N LEU B 408 -45.41 -9.96 1.42
CA LEU B 408 -46.53 -9.56 2.25
C LEU B 408 -47.61 -10.64 2.26
N ALA B 409 -47.87 -11.26 1.09
CA ALA B 409 -48.86 -12.31 0.99
C ALA B 409 -48.48 -13.53 1.84
N GLN B 410 -47.21 -13.66 2.23
CA GLN B 410 -46.82 -14.71 3.16
C GLN B 410 -47.22 -14.40 4.60
N GLY B 411 -47.64 -13.18 4.90
CA GLY B 411 -47.91 -12.82 6.27
C GLY B 411 -46.73 -12.29 7.06
N VAL B 412 -45.68 -11.79 6.39
CA VAL B 412 -44.58 -11.16 7.10
C VAL B 412 -44.97 -9.73 7.47
N SER B 413 -44.50 -9.29 8.61
CA SER B 413 -44.81 -7.97 9.09
C SER B 413 -44.26 -6.89 8.15
N PRO B 414 -45.04 -5.96 7.67
CA PRO B 414 -44.50 -4.95 6.80
C PRO B 414 -43.51 -4.06 7.43
N LYS B 415 -43.45 -4.01 8.72
CA LYS B 415 -42.51 -3.18 9.41
C LYS B 415 -41.09 -3.71 9.37
N LYS B 416 -40.95 -4.94 8.97
CA LYS B 416 -39.69 -5.56 8.91
C LYS B 416 -39.06 -5.55 7.55
N ILE B 417 -39.80 -5.20 6.54
CA ILE B 417 -39.33 -5.21 5.17
C ILE B 417 -38.61 -3.89 4.89
N VAL B 418 -37.34 -3.97 4.55
CA VAL B 418 -36.52 -2.79 4.24
C VAL B 418 -36.15 -2.90 2.76
N VAL B 419 -36.59 -1.93 1.95
CA VAL B 419 -36.53 -2.04 0.49
C VAL B 419 -35.13 -1.71 -0.02
N GLY B 420 -34.64 -2.51 -0.97
CA GLY B 420 -33.28 -2.33 -1.49
C GLY B 420 -33.20 -1.22 -2.52
N VAL B 421 -32.08 -0.49 -2.47
CA VAL B 421 -31.77 0.62 -3.36
C VAL B 421 -30.34 0.41 -3.87
N ALA B 422 -30.15 0.55 -5.18
CA ALA B 422 -28.87 0.24 -5.83
C ALA B 422 -28.06 1.52 -5.99
N MET B 423 -26.89 1.55 -5.38
CA MET B 423 -25.94 2.64 -5.59
C MET B 423 -24.98 2.35 -6.75
N TYR B 424 -25.42 1.55 -7.71
CA TYR B 424 -24.59 1.14 -8.82
C TYR B 424 -25.51 0.85 -10.01
N GLY B 425 -24.92 0.87 -11.19
CA GLY B 425 -25.61 0.52 -12.42
C GLY B 425 -25.11 -0.81 -12.95
N ARG B 426 -26.02 -1.58 -13.55
CA ARG B 426 -25.68 -2.75 -14.32
C ARG B 426 -25.97 -2.46 -15.77
N GLY B 427 -25.07 -2.88 -16.65
CA GLY B 427 -25.17 -2.41 -18.01
C GLY B 427 -24.68 -3.40 -19.04
N TRP B 428 -25.02 -3.08 -20.28
CA TRP B 428 -24.69 -3.86 -21.45
C TRP B 428 -24.03 -2.95 -22.49
N THR B 429 -23.33 -3.56 -23.44
CA THR B 429 -22.77 -2.82 -24.56
C THR B 429 -23.24 -3.43 -25.87
N GLY B 430 -23.20 -2.63 -26.93
CA GLY B 430 -23.57 -3.09 -28.26
C GLY B 430 -25.02 -3.50 -28.43
N VAL B 431 -25.93 -2.82 -27.75
CA VAL B 431 -27.35 -3.15 -27.87
C VAL B 431 -27.84 -2.71 -29.25
N HIS B 432 -28.47 -3.63 -29.97
CA HIS B 432 -28.88 -3.37 -31.33
C HIS B 432 -30.21 -4.03 -31.60
N GLY B 433 -30.85 -3.64 -32.70
CA GLY B 433 -32.10 -4.24 -33.12
C GLY B 433 -33.28 -3.95 -32.21
N TYR B 434 -33.34 -2.78 -31.61
CA TYR B 434 -34.40 -2.45 -30.68
C TYR B 434 -35.50 -1.63 -31.37
N LYS B 435 -36.73 -1.81 -30.90
CA LYS B 435 -37.90 -1.18 -31.50
C LYS B 435 -38.35 0.04 -30.69
N ASP B 436 -39.14 0.89 -31.35
CA ASP B 436 -39.90 1.96 -30.70
C ASP B 436 -39.02 2.92 -29.89
N ASN B 437 -37.77 3.11 -30.30
CA ASN B 437 -36.80 3.94 -29.56
C ASN B 437 -36.63 3.46 -28.12
N ASN B 438 -36.80 2.15 -27.92
CA ASN B 438 -36.72 1.54 -26.61
C ASN B 438 -35.55 0.56 -26.59
N PRO B 439 -34.39 0.96 -26.05
CA PRO B 439 -33.20 0.10 -26.14
C PRO B 439 -33.33 -1.21 -25.38
N PHE B 440 -34.33 -1.33 -24.51
CA PHE B 440 -34.51 -2.58 -23.76
C PHE B 440 -35.13 -3.69 -24.62
N THR B 441 -35.66 -3.36 -25.80
CA THR B 441 -36.23 -4.35 -26.70
C THR B 441 -35.19 -5.06 -27.54
N GLY B 442 -33.94 -4.60 -27.54
CA GLY B 442 -32.89 -5.20 -28.34
C GLY B 442 -32.16 -6.30 -27.60
N ASN B 443 -31.00 -6.67 -28.16
CA ASN B 443 -30.09 -7.61 -27.54
C ASN B 443 -28.70 -6.98 -27.48
N ALA B 444 -27.94 -7.37 -26.47
CA ALA B 444 -26.58 -6.88 -26.27
C ALA B 444 -25.56 -7.84 -26.84
N THR B 445 -24.33 -7.36 -26.99
CA THR B 445 -23.20 -8.20 -27.38
C THR B 445 -22.21 -8.43 -26.25
N GLY B 446 -22.48 -7.92 -25.05
CA GLY B 446 -21.57 -8.06 -23.94
C GLY B 446 -21.81 -7.03 -22.84
N PRO B 447 -21.00 -7.08 -21.80
CA PRO B 447 -21.19 -6.16 -20.67
C PRO B 447 -20.69 -4.75 -20.97
N VAL B 448 -21.28 -3.78 -20.26
CA VAL B 448 -20.80 -2.41 -20.33
C VAL B 448 -19.43 -2.30 -19.67
N LYS B 449 -18.67 -1.28 -20.10
CA LYS B 449 -17.42 -0.94 -19.42
C LYS B 449 -17.74 -0.53 -17.99
N GLY B 450 -17.12 -1.19 -17.01
CA GLY B 450 -17.45 -1.01 -15.63
C GLY B 450 -16.38 -0.24 -14.88
N THR B 451 -16.71 0.12 -13.63
CA THR B 451 -15.77 0.84 -12.80
C THR B 451 -14.67 -0.08 -12.28
N TRP B 452 -15.06 -1.15 -11.62
CA TRP B 452 -14.13 -2.12 -11.06
C TRP B 452 -14.27 -3.51 -11.67
N GLN B 453 -15.46 -3.89 -12.10
CA GLN B 453 -15.66 -5.12 -12.86
C GLN B 453 -16.58 -4.79 -14.01
N ASP B 454 -16.49 -5.56 -15.07
CA ASP B 454 -17.30 -5.26 -16.24
C ASP B 454 -18.77 -5.59 -15.98
N GLY B 455 -19.65 -4.70 -16.42
CA GLY B 455 -21.07 -4.84 -16.23
C GLY B 455 -21.62 -4.16 -14.99
N VAL B 456 -20.76 -3.55 -14.19
CA VAL B 456 -21.15 -2.87 -12.96
C VAL B 456 -20.44 -1.53 -12.93
N VAL B 457 -21.21 -0.46 -12.72
CA VAL B 457 -20.70 0.91 -12.73
C VAL B 457 -21.13 1.60 -11.44
N ASP B 458 -20.17 2.21 -10.73
CA ASP B 458 -20.50 2.96 -9.52
C ASP B 458 -21.41 4.13 -9.88
N TYR B 459 -22.42 4.38 -9.04
CA TYR B 459 -23.32 5.50 -9.30
C TYR B 459 -22.56 6.83 -9.39
N ARG B 460 -21.47 6.96 -8.63
CA ARG B 460 -20.69 8.21 -8.66
C ARG B 460 -20.22 8.52 -10.06
N GLU B 461 -19.75 7.50 -10.80
CA GLU B 461 -19.26 7.70 -12.15
C GLU B 461 -20.40 7.85 -13.15
N ILE B 462 -21.54 7.18 -12.90
CA ILE B 462 -22.71 7.41 -13.74
C ILE B 462 -23.13 8.87 -13.65
N ALA B 463 -23.12 9.43 -12.44
CA ALA B 463 -23.46 10.84 -12.28
C ALA B 463 -22.41 11.74 -12.93
N THR B 464 -21.12 11.45 -12.70
CA THR B 464 -20.06 12.28 -13.27
C THR B 464 -20.13 12.29 -14.78
N GLU B 465 -20.29 11.10 -15.38
CA GLU B 465 -20.34 10.99 -16.84
C GLU B 465 -21.61 11.62 -17.41
N ILE B 466 -22.69 11.66 -16.62
CA ILE B 466 -23.88 12.39 -17.07
C ILE B 466 -23.57 13.87 -17.14
N ALA B 467 -22.99 14.44 -16.08
CA ALA B 467 -22.70 15.86 -16.10
C ALA B 467 -21.76 16.23 -17.24
N GLN B 468 -20.98 15.27 -17.72
CA GLN B 468 -20.03 15.47 -18.80
C GLN B 468 -20.64 15.27 -20.19
N GLY B 469 -21.96 15.15 -20.29
CA GLY B 469 -22.60 15.00 -21.58
C GLY B 469 -22.26 13.72 -22.30
N LYS B 470 -21.88 12.67 -21.58
CA LYS B 470 -21.50 11.41 -22.22
C LYS B 470 -22.65 10.40 -22.28
N TRP B 471 -23.86 10.81 -21.91
CA TRP B 471 -25.00 9.90 -21.83
C TRP B 471 -26.29 10.60 -22.25
N GLU B 472 -27.21 9.80 -22.80
CA GLU B 472 -28.60 10.19 -22.95
C GLU B 472 -29.37 9.67 -21.74
N TYR B 473 -29.82 10.57 -20.86
CA TYR B 473 -30.51 10.17 -19.65
C TYR B 473 -32.01 9.99 -19.92
N HIS B 474 -32.57 8.88 -19.45
CA HIS B 474 -34.02 8.65 -19.55
C HIS B 474 -34.55 8.20 -18.21
N TYR B 475 -35.79 8.59 -17.92
CA TYR B 475 -36.50 8.12 -16.74
C TYR B 475 -37.82 7.51 -17.19
N ASP B 476 -37.96 6.19 -16.99
CA ASP B 476 -39.19 5.46 -17.18
C ASP B 476 -40.14 5.81 -16.02
N LYS B 477 -41.11 6.69 -16.27
CA LYS B 477 -41.99 7.13 -15.21
C LYS B 477 -43.10 6.13 -14.90
N VAL B 478 -43.26 5.09 -15.71
CA VAL B 478 -44.17 4.02 -15.33
C VAL B 478 -43.49 3.05 -14.38
N ALA B 479 -42.34 2.50 -14.79
CA ALA B 479 -41.63 1.58 -13.91
C ALA B 479 -40.93 2.29 -12.75
N GLN B 480 -40.77 3.61 -12.83
CA GLN B 480 -40.03 4.42 -11.86
C GLN B 480 -38.56 3.97 -11.78
N ALA B 481 -37.86 4.06 -12.90
CA ALA B 481 -36.46 3.69 -12.99
C ALA B 481 -35.75 4.57 -14.00
N PRO B 482 -34.53 5.01 -13.73
CA PRO B 482 -33.75 5.72 -14.73
C PRO B 482 -32.86 4.78 -15.55
N TYR B 483 -32.35 5.32 -16.66
CA TYR B 483 -31.31 4.62 -17.42
C TYR B 483 -30.63 5.61 -18.35
N VAL B 484 -29.38 5.33 -18.67
CA VAL B 484 -28.59 6.11 -19.62
C VAL B 484 -28.33 5.26 -20.85
N PHE B 485 -28.26 5.88 -22.02
CA PHE B 485 -28.06 5.13 -23.24
C PHE B 485 -27.09 5.88 -24.14
N ARG B 486 -26.29 5.11 -24.87
CA ARG B 486 -25.37 5.66 -25.86
C ARG B 486 -25.70 5.03 -27.20
N PRO B 487 -26.48 5.70 -28.06
CA PRO B 487 -26.91 5.04 -29.31
C PRO B 487 -25.75 4.63 -30.19
N ALA B 488 -24.66 5.40 -30.22
CA ALA B 488 -23.53 5.06 -31.09
C ALA B 488 -22.96 3.69 -30.76
N THR B 489 -22.45 3.53 -29.54
CA THR B 489 -21.85 2.27 -29.13
C THR B 489 -22.88 1.26 -28.61
N GLY B 490 -24.13 1.68 -28.40
CA GLY B 490 -25.12 0.77 -27.86
C GLY B 490 -24.98 0.47 -26.39
N ASP B 491 -24.38 1.39 -25.62
CA ASP B 491 -24.17 1.19 -24.19
C ASP B 491 -25.45 1.52 -23.41
N LEU B 492 -25.89 0.58 -22.58
CA LEU B 492 -27.09 0.72 -21.78
C LEU B 492 -26.76 0.37 -20.32
N ILE B 493 -27.27 1.16 -19.38
CA ILE B 493 -27.01 0.95 -17.95
C ILE B 493 -28.31 1.22 -17.20
N THR B 494 -28.72 0.29 -16.34
CA THR B 494 -29.86 0.49 -15.47
C THR B 494 -29.36 0.69 -14.05
N TYR B 495 -29.89 1.69 -13.35
CA TYR B 495 -29.42 2.02 -12.01
C TYR B 495 -30.55 2.68 -11.25
N ASP B 496 -30.25 3.11 -10.03
CA ASP B 496 -31.17 3.90 -9.22
C ASP B 496 -30.62 5.32 -9.15
N ASP B 497 -31.48 6.30 -9.35
CA ASP B 497 -31.10 7.69 -9.17
C ASP B 497 -31.97 8.31 -8.07
N ALA B 498 -31.69 9.58 -7.75
CA ALA B 498 -32.38 10.27 -6.67
C ALA B 498 -33.90 10.24 -6.85
N ARG B 499 -34.36 10.16 -8.10
CA ARG B 499 -35.79 10.16 -8.37
C ARG B 499 -36.42 8.81 -8.05
N SER B 500 -35.83 7.72 -8.54
CA SER B 500 -36.35 6.38 -8.22
C SER B 500 -36.17 6.04 -6.74
N THR B 501 -35.10 6.56 -6.12
CA THR B 501 -34.89 6.34 -4.69
C THR B 501 -35.99 7.02 -3.88
N ILE B 502 -36.27 8.29 -4.20
CA ILE B 502 -37.37 8.98 -3.54
C ILE B 502 -38.69 8.24 -3.76
N GLU B 503 -38.89 7.71 -4.98
CA GLU B 503 -40.12 6.96 -5.24
C GLU B 503 -40.18 5.69 -4.41
N LYS B 504 -39.05 5.03 -4.16
CA LYS B 504 -39.08 3.87 -3.28
C LYS B 504 -39.42 4.27 -1.85
N GLY B 505 -38.92 5.43 -1.40
CA GLY B 505 -39.29 5.93 -0.08
C GLY B 505 -40.77 6.27 0.04
N LYS B 506 -41.37 6.78 -1.03
CA LYS B 506 -42.82 7.01 -1.00
C LYS B 506 -43.58 5.70 -0.87
N TYR B 507 -43.05 4.64 -1.47
CA TYR B 507 -43.67 3.32 -1.40
C TYR B 507 -43.56 2.71 0.00
N VAL B 508 -42.38 2.83 0.62
CA VAL B 508 -42.18 2.33 1.97
C VAL B 508 -43.15 3.02 2.93
N ARG B 509 -43.25 4.35 2.81
CA ARG B 509 -44.16 5.10 3.67
C ARG B 509 -45.61 4.76 3.36
N ALA B 510 -45.97 4.68 2.08
CA ALA B 510 -47.34 4.40 1.72
C ALA B 510 -47.79 3.02 2.19
N ASN B 511 -46.91 2.03 2.07
CA ASN B 511 -47.23 0.67 2.45
C ASN B 511 -46.75 0.36 3.83
N LYS B 512 -46.33 1.38 4.55
CA LYS B 512 -46.03 1.21 5.95
C LYS B 512 -44.93 0.18 6.19
N LEU B 513 -43.86 0.28 5.38
CA LEU B 513 -42.72 -0.62 5.41
C LEU B 513 -41.62 -0.13 6.37
N GLY B 514 -40.53 -0.92 6.47
CA GLY B 514 -39.50 -0.63 7.44
C GLY B 514 -38.53 0.47 7.07
N GLY B 515 -38.34 0.72 5.78
CA GLY B 515 -37.37 1.72 5.35
C GLY B 515 -36.62 1.31 4.11
N LEU B 516 -35.40 1.83 3.95
CA LEU B 516 -34.57 1.61 2.77
C LEU B 516 -33.17 1.20 3.19
N PHE B 517 -32.48 0.48 2.30
CA PHE B 517 -31.07 0.18 2.48
C PHE B 517 -30.41 0.16 1.10
N ALA B 518 -29.10 0.35 1.09
CA ALA B 518 -28.37 0.54 -0.14
C ALA B 518 -27.13 -0.36 -0.18
N TRP B 519 -26.79 -0.81 -1.39
CA TRP B 519 -25.52 -1.45 -1.70
C TRP B 519 -24.94 -0.74 -2.93
N GLU B 520 -23.70 -0.27 -2.86
CA GLU B 520 -22.83 -0.23 -1.68
C GLU B 520 -22.43 1.23 -1.38
N ILE B 521 -22.12 1.54 -0.12
CA ILE B 521 -22.00 2.93 0.33
C ILE B 521 -20.86 3.66 -0.37
N ASP B 522 -19.84 2.95 -0.81
CA ASP B 522 -18.69 3.60 -1.41
C ASP B 522 -18.94 4.08 -2.83
N ALA B 523 -19.95 3.54 -3.51
CA ALA B 523 -20.23 3.94 -4.88
C ALA B 523 -21.12 5.17 -4.97
N ASP B 524 -21.51 5.74 -3.84
CA ASP B 524 -22.42 6.88 -3.80
C ASP B 524 -21.63 8.19 -3.69
N ASN B 525 -22.10 9.21 -4.39
CA ASN B 525 -21.56 10.55 -4.22
C ASN B 525 -22.36 11.36 -3.22
N GLY B 526 -23.39 10.77 -2.59
CA GLY B 526 -24.26 11.44 -1.65
C GLY B 526 -25.70 11.59 -2.13
N ASP B 527 -25.90 11.65 -3.46
CA ASP B 527 -27.24 11.88 -4.02
C ASP B 527 -28.23 10.80 -3.61
N ILE B 528 -27.79 9.54 -3.58
CA ILE B 528 -28.70 8.42 -3.34
C ILE B 528 -29.11 8.36 -1.88
N LEU B 529 -28.11 8.45 -0.97
CA LEU B 529 -28.39 8.40 0.46
C LEU B 529 -29.19 9.64 0.90
N ASN B 530 -28.87 10.79 0.32
CA ASN B 530 -29.72 11.95 0.55
C ASN B 530 -31.15 11.64 0.15
N ALA B 531 -31.34 10.97 -0.98
CA ALA B 531 -32.67 10.67 -1.48
C ALA B 531 -33.37 9.64 -0.59
N MET B 532 -32.62 8.67 -0.08
CA MET B 532 -33.17 7.72 0.89
C MET B 532 -33.73 8.46 2.10
N ASN B 533 -32.94 9.36 2.69
CA ASN B 533 -33.41 10.10 3.85
C ASN B 533 -34.63 10.95 3.50
N MET B 534 -34.57 11.69 2.39
CA MET B 534 -35.70 12.52 2.00
C MET B 534 -36.91 11.66 1.64
N GLY B 535 -36.68 10.56 0.92
CA GLY B 535 -37.77 9.69 0.58
C GLY B 535 -38.44 9.05 1.79
N LEU B 536 -37.73 8.96 2.91
CA LEU B 536 -38.30 8.36 4.11
C LEU B 536 -38.83 9.41 5.09
N GLY B 537 -38.56 10.69 4.85
CA GLY B 537 -39.08 11.74 5.69
C GLY B 537 -38.19 12.16 6.84
N ASN B 538 -36.88 12.03 6.71
CA ASN B 538 -35.98 12.47 7.76
C ASN B 538 -35.82 13.98 7.73
N SER B 539 -35.34 14.54 8.84
CA SER B 539 -35.20 15.98 8.98
C SER B 539 -33.80 16.41 8.52
N ALA B 540 -33.75 17.47 7.72
CA ALA B 540 -32.50 18.03 7.26
C ALA B 540 -32.05 19.20 8.13
#